data_7LAS
#
_entry.id   7LAS
#
_cell.length_a   1.00
_cell.length_b   1.00
_cell.length_c   1.00
_cell.angle_alpha   90.00
_cell.angle_beta   90.00
_cell.angle_gamma   90.00
#
_symmetry.space_group_name_H-M   'P 1'
#
loop_
_entity.id
_entity.type
_entity.pdbx_description
1 polymer 'ATP-dependent helicase Rep'
2 polymer "DNA (5'-D(P*TP*TP*TP*TP*TP*CP*GP*AP*TP*CP*GP*AP*TP*C)-3')"
3 polymer "DNA (5'-D(P*GP*AP*TP*CP*GP*AP*TP*CP*GP*A)-3')"
4 non-polymer "ADENOSINE-5'-DIPHOSPHATE"
5 non-polymer 'MAGNESIUM ION'
#
loop_
_entity_poly.entity_id
_entity_poly.type
_entity_poly.pdbx_seq_one_letter_code
_entity_poly.pdbx_strand_id
1 'polypeptide(L)'
;MPSKKNGRSGPQPHKRWVFTLNNPSEDERKKIRELPISLFDYFIVGEEGNEEGRTPHLQGFANFVKKQTFNKVKWYFGAR
CHIEKAKGTDQQNKEYCSKEGNLLMECGAPRSQGQRSDLSTAVSTLLESGSLVTVAEQHPVTFVRNFRGLAELLKVSGKM
QKRDWKTNVHVIVGPPGCGKSKWAANFADPETTYWKPPRNKWWDGYHGEEVVVIDDFYGWLPWDDLLRLCDRYPLTVETK
GGTVPFLARSILITSNQTPLEWYSSTAVPAVEALYRRITSLVFWKNATEQSTEEGGQFVTLSPPCPEFPYEINY
;
A,B,C,D,E,F
2 'polydeoxyribonucleotide' (DT)(DT)(DT)(DT)(DT)(DC)(DG)(DA)(DT)(DC)(DG)(DA)(DT)(DC) G
3 'polydeoxyribonucleotide' (DG)(DA)(DT)(DC)(DG)(DA)(DT)(DC)(DG)(DA) H
#
loop_
_chem_comp.id
_chem_comp.type
_chem_comp.name
_chem_comp.formula
ADP non-polymer ADENOSINE-5'-DIPHOSPHATE 'C10 H15 N5 O10 P2'
DA DNA linking 2'-DEOXYADENOSINE-5'-MONOPHOSPHATE 'C10 H14 N5 O6 P'
DC DNA linking 2'-DEOXYCYTIDINE-5'-MONOPHOSPHATE 'C9 H14 N3 O7 P'
DG DNA linking 2'-DEOXYGUANOSINE-5'-MONOPHOSPHATE 'C10 H14 N5 O7 P'
DT DNA linking THYMIDINE-5'-MONOPHOSPHATE 'C10 H15 N2 O8 P'
MG non-polymer 'MAGNESIUM ION' 'Mg 2'
#
# COMPACT_ATOMS: atom_id res chain seq x y z
N LEU A 119 15.06 19.80 28.09
CA LEU A 119 14.57 18.49 27.68
C LEU A 119 14.67 17.50 28.82
N SER A 120 15.66 17.70 29.69
CA SER A 120 15.74 16.90 30.91
C SER A 120 14.50 17.13 31.77
N THR A 121 14.15 18.39 31.99
CA THR A 121 12.93 18.70 32.72
C THR A 121 11.69 18.30 31.93
N ALA A 122 11.79 18.27 30.60
CA ALA A 122 10.64 17.93 29.76
C ALA A 122 10.14 16.53 30.05
N VAL A 123 11.05 15.58 30.20
CA VAL A 123 10.63 14.23 30.53
C VAL A 123 10.03 14.17 31.93
N SER A 124 10.60 14.94 32.86
CA SER A 124 10.08 14.95 34.23
C SER A 124 8.64 15.43 34.25
N THR A 125 8.34 16.50 33.52
CA THR A 125 6.97 16.97 33.44
C THR A 125 6.10 16.00 32.67
N LEU A 126 6.65 15.38 31.62
CA LEU A 126 5.88 14.47 30.79
C LEU A 126 5.41 13.26 31.59
N LEU A 127 6.31 12.65 32.34
CA LEU A 127 5.98 11.44 33.08
C LEU A 127 5.50 11.77 34.50
N GLU A 128 4.48 12.62 34.59
CA GLU A 128 3.62 12.69 35.76
C GLU A 128 2.19 12.31 35.47
N SER A 129 1.57 12.93 34.45
CA SER A 129 0.17 12.72 34.12
C SER A 129 -0.13 13.52 32.86
N GLY A 130 -1.32 13.30 32.31
CA GLY A 130 -2.03 14.29 31.51
C GLY A 130 -1.27 14.73 30.27
N SER A 131 -0.79 13.74 29.53
CA SER A 131 0.16 13.94 28.45
C SER A 131 -0.53 13.74 27.10
N LEU A 132 -0.13 14.49 26.06
CA LEU A 132 1.00 15.44 25.98
C LEU A 132 0.53 16.88 26.16
N VAL A 133 -0.75 17.05 26.52
CA VAL A 133 -1.39 18.36 26.48
C VAL A 133 -0.71 19.31 27.45
N THR A 134 -0.16 18.78 28.54
CA THR A 134 0.36 19.64 29.60
C THR A 134 1.82 19.95 29.36
N VAL A 135 2.56 19.04 28.72
CA VAL A 135 3.89 19.39 28.26
C VAL A 135 3.81 20.49 27.23
N ALA A 136 2.88 20.34 26.28
CA ALA A 136 2.74 21.35 25.23
C ALA A 136 2.29 22.68 25.80
N GLU A 137 1.44 22.66 26.83
CA GLU A 137 1.06 23.90 27.49
C GLU A 137 2.23 24.53 28.23
N GLN A 138 2.99 23.73 28.96
CA GLN A 138 3.98 24.25 29.89
C GLN A 138 5.34 24.49 29.24
N HIS A 139 5.74 23.63 28.31
CA HIS A 139 7.03 23.71 27.61
C HIS A 139 6.74 23.79 26.12
N PRO A 140 6.46 24.98 25.57
CA PRO A 140 6.13 25.01 24.14
C PRO A 140 7.33 24.74 23.26
N VAL A 141 8.49 25.30 23.60
CA VAL A 141 9.66 25.20 22.72
C VAL A 141 10.12 23.75 22.62
N THR A 142 10.31 23.07 23.76
CA THR A 142 10.87 21.72 23.69
C THR A 142 9.92 20.71 23.08
N PHE A 143 8.64 21.07 22.88
CA PHE A 143 7.70 20.17 22.24
C PHE A 143 7.64 20.36 20.73
N VAL A 144 8.07 21.52 20.22
CA VAL A 144 8.21 21.68 18.79
C VAL A 144 9.19 20.65 18.25
N ARG A 145 10.31 20.49 18.95
CA ARG A 145 11.16 19.34 18.73
C ARG A 145 10.61 18.15 19.51
N ASN A 146 11.07 16.97 19.15
CA ASN A 146 10.81 15.75 19.92
C ASN A 146 9.33 15.38 20.04
N PHE A 147 8.43 15.96 19.25
CA PHE A 147 7.01 15.68 19.45
C PHE A 147 6.66 14.22 19.21
N ARG A 148 7.37 13.56 18.32
CA ARG A 148 7.15 12.12 18.12
C ARG A 148 7.75 11.31 19.25
N GLY A 149 8.77 11.84 19.90
CA GLY A 149 9.53 11.04 20.84
C GLY A 149 8.93 11.11 22.21
N LEU A 150 8.38 12.25 22.59
CA LEU A 150 7.66 12.33 23.85
C LEU A 150 6.46 11.42 23.82
N ALA A 151 5.72 11.40 22.71
CA ALA A 151 4.59 10.50 22.59
C ALA A 151 5.05 9.06 22.65
N GLU A 152 6.18 8.73 22.02
CA GLU A 152 6.63 7.34 22.07
C GLU A 152 7.06 6.94 23.49
N LEU A 153 7.76 7.83 24.21
CA LEU A 153 8.15 7.52 25.58
C LEU A 153 6.92 7.31 26.45
N LEU A 154 5.94 8.20 26.31
CA LEU A 154 4.73 8.09 27.11
C LEU A 154 3.99 6.79 26.80
N LYS A 155 3.88 6.44 25.52
CA LYS A 155 3.18 5.23 25.17
C LYS A 155 3.92 4.01 25.67
N VAL A 156 5.25 4.04 25.63
CA VAL A 156 6.03 2.90 26.11
C VAL A 156 5.84 2.72 27.60
N SER A 157 5.94 3.80 28.38
CA SER A 157 5.65 3.65 29.79
C SER A 157 4.17 3.38 29.99
N GLY A 158 3.81 2.88 31.17
CA GLY A 158 2.44 2.54 31.46
C GLY A 158 1.65 3.67 32.08
N LYS A 159 1.82 4.89 31.57
CA LYS A 159 1.24 6.10 32.16
C LYS A 159 0.45 6.87 31.12
N MET A 160 -0.25 6.18 30.22
CA MET A 160 -1.14 6.85 29.27
C MET A 160 -2.55 6.96 29.82
N GLN A 161 -2.68 7.53 31.04
CA GLN A 161 -3.89 8.16 31.60
C GLN A 161 -5.15 7.35 31.31
N LYS A 162 -5.17 6.11 31.79
CA LYS A 162 -6.00 5.08 31.19
C LYS A 162 -7.43 5.29 31.69
N ARG A 163 -8.32 4.33 31.43
CA ARG A 163 -9.74 4.55 31.61
C ARG A 163 -10.35 3.31 32.24
N ASP A 164 -11.31 3.56 33.12
CA ASP A 164 -12.02 2.53 33.86
C ASP A 164 -13.50 2.82 33.94
N TRP A 165 -14.02 3.76 33.15
CA TRP A 165 -15.39 4.22 33.24
C TRP A 165 -16.14 3.75 32.00
N LYS A 166 -17.28 3.10 32.22
CA LYS A 166 -18.11 2.66 31.11
C LYS A 166 -18.52 3.87 30.32
N THR A 167 -18.21 3.85 29.03
CA THR A 167 -18.40 5.02 28.20
C THR A 167 -19.85 5.04 27.73
N ASN A 168 -20.43 6.22 27.76
CA ASN A 168 -21.85 6.34 27.48
C ASN A 168 -22.06 6.36 25.98
N VAL A 169 -23.09 5.68 25.53
CA VAL A 169 -23.41 5.55 24.10
C VAL A 169 -24.84 6.01 23.93
N HIS A 170 -25.04 7.12 23.22
CA HIS A 170 -26.35 7.63 22.88
C HIS A 170 -26.54 7.40 21.39
N VAL A 171 -27.64 6.76 21.01
CA VAL A 171 -27.89 6.36 19.62
C VAL A 171 -29.14 7.08 19.13
N ILE A 172 -29.02 7.78 18.01
CA ILE A 172 -30.07 8.62 17.47
C ILE A 172 -30.51 8.07 16.12
N VAL A 173 -31.82 8.08 15.87
CA VAL A 173 -32.41 7.57 14.64
C VAL A 173 -33.49 8.53 14.18
N GLY A 174 -33.46 8.91 12.91
CA GLY A 174 -34.50 9.74 12.34
C GLY A 174 -34.22 10.04 10.88
N PRO A 175 -35.25 10.23 10.04
CA PRO A 175 -34.99 10.56 8.64
C PRO A 175 -34.24 11.85 8.51
N PRO A 176 -33.43 12.02 7.44
CA PRO A 176 -32.60 13.22 7.33
C PRO A 176 -33.40 14.51 7.24
N GLY A 177 -32.82 15.57 7.80
CA GLY A 177 -33.48 16.84 7.96
C GLY A 177 -34.21 17.03 9.27
N CYS A 178 -34.28 16.01 10.12
CA CYS A 178 -34.97 16.08 11.40
C CYS A 178 -34.03 16.46 12.54
N GLY A 179 -32.92 17.13 12.24
CA GLY A 179 -32.04 17.63 13.28
C GLY A 179 -31.39 16.54 14.12
N LYS A 180 -31.00 15.44 13.48
CA LYS A 180 -30.24 14.41 14.19
C LYS A 180 -28.96 14.97 14.74
N SER A 181 -28.08 15.47 13.87
CA SER A 181 -26.77 15.95 14.29
C SER A 181 -26.84 17.27 15.04
N LYS A 182 -27.93 18.03 14.90
CA LYS A 182 -28.04 19.29 15.63
C LYS A 182 -27.95 19.07 17.13
N TRP A 183 -28.70 18.07 17.61
CA TRP A 183 -28.68 17.75 19.03
C TRP A 183 -27.29 17.29 19.45
N ALA A 184 -26.60 16.53 18.59
CA ALA A 184 -25.24 16.13 18.90
C ALA A 184 -24.32 17.33 19.02
N ALA A 185 -24.53 18.34 18.18
CA ALA A 185 -23.73 19.55 18.30
C ALA A 185 -24.05 20.31 19.57
N ASN A 186 -25.31 20.27 20.02
CA ASN A 186 -25.77 21.04 21.17
C ASN A 186 -25.67 20.25 22.48
N PHE A 187 -24.78 19.27 22.55
CA PHE A 187 -24.71 18.35 23.68
C PHE A 187 -23.75 18.84 24.75
N ALA A 188 -22.48 19.06 24.37
CA ALA A 188 -21.45 19.58 25.26
C ALA A 188 -20.76 20.76 24.62
N ASP A 189 -19.77 21.28 25.31
CA ASP A 189 -19.02 22.42 24.83
C ASP A 189 -18.31 22.08 23.52
N PRO A 190 -18.37 22.92 22.48
CA PRO A 190 -17.67 22.58 21.24
C PRO A 190 -16.15 22.50 21.41
N GLU A 191 -15.59 23.11 22.44
CA GLU A 191 -14.14 23.06 22.64
C GLU A 191 -13.66 21.65 22.90
N THR A 192 -14.47 20.83 23.55
CA THR A 192 -14.11 19.51 24.04
C THR A 192 -14.93 18.45 23.34
N THR A 193 -15.10 18.63 22.02
CA THR A 193 -15.86 17.73 21.19
C THR A 193 -15.00 17.29 20.01
N TYR A 194 -15.09 16.01 19.69
CA TYR A 194 -14.45 15.41 18.53
C TYR A 194 -15.50 14.78 17.63
N TRP A 195 -15.35 14.96 16.32
CA TRP A 195 -16.20 14.35 15.32
C TRP A 195 -15.39 13.32 14.56
N LYS A 196 -15.84 12.09 14.55
CA LYS A 196 -15.09 11.05 13.86
C LYS A 196 -15.27 11.23 12.35
N PRO A 197 -14.23 11.43 11.56
CA PRO A 197 -14.44 11.49 10.11
C PRO A 197 -14.86 10.13 9.57
N PRO A 198 -15.97 10.03 8.85
CA PRO A 198 -16.51 8.70 8.53
C PRO A 198 -15.79 8.00 7.40
N ARG A 199 -16.00 6.69 7.35
CA ARG A 199 -15.43 5.81 6.34
C ARG A 199 -13.91 5.91 6.34
N ASN A 200 -13.34 6.01 7.54
CA ASN A 200 -11.92 6.29 7.69
C ASN A 200 -11.53 5.77 9.07
N LYS A 201 -10.71 4.73 9.12
CA LYS A 201 -10.39 4.12 10.40
C LYS A 201 -9.31 4.86 11.17
N TRP A 202 -8.94 6.08 10.79
CA TRP A 202 -7.91 6.86 11.46
C TRP A 202 -8.56 7.89 12.37
N TRP A 203 -8.08 7.96 13.61
CA TRP A 203 -8.65 8.82 14.64
C TRP A 203 -7.82 10.09 14.81
N ASP A 204 -7.26 10.58 13.71
CA ASP A 204 -6.46 11.81 13.76
C ASP A 204 -7.33 12.96 14.24
N GLY A 205 -6.71 13.87 14.99
CA GLY A 205 -7.46 14.93 15.65
C GLY A 205 -7.88 14.63 17.07
N TYR A 206 -7.65 13.43 17.59
CA TYR A 206 -8.01 13.06 18.95
C TYR A 206 -7.00 13.54 20.00
N HIS A 207 -6.11 14.48 19.67
CA HIS A 207 -5.14 15.04 20.60
C HIS A 207 -5.79 16.06 21.57
N GLY A 208 -7.12 16.10 21.60
CA GLY A 208 -7.92 16.58 22.71
C GLY A 208 -8.89 15.46 23.03
N GLU A 209 -10.12 15.76 23.47
CA GLU A 209 -10.93 14.61 23.89
C GLU A 209 -12.44 14.85 23.97
N GLU A 210 -13.13 13.77 24.40
CA GLU A 210 -14.17 13.41 25.37
C GLU A 210 -15.66 13.70 25.23
N VAL A 211 -16.16 14.45 24.27
CA VAL A 211 -17.25 14.02 23.40
C VAL A 211 -16.69 13.38 22.13
N VAL A 212 -17.18 12.21 21.75
CA VAL A 212 -16.91 11.64 20.44
C VAL A 212 -18.25 11.45 19.75
N VAL A 213 -18.47 12.14 18.64
CA VAL A 213 -19.74 11.98 17.92
C VAL A 213 -19.41 11.32 16.59
N ILE A 214 -19.53 10.01 16.52
CA ILE A 214 -19.54 9.31 15.25
C ILE A 214 -20.86 9.66 14.57
N ASP A 215 -20.82 10.43 13.50
CA ASP A 215 -22.04 10.92 12.89
C ASP A 215 -22.45 10.09 11.68
N ASP A 216 -23.73 10.22 11.33
CA ASP A 216 -24.33 9.78 10.07
C ASP A 216 -24.01 8.32 9.72
N PHE A 217 -23.89 7.49 10.76
CA PHE A 217 -23.52 6.08 10.68
C PHE A 217 -24.29 5.29 9.62
N TYR A 218 -23.59 4.35 8.94
CA TYR A 218 -24.27 3.30 8.20
C TYR A 218 -23.62 1.93 8.36
N GLY A 219 -22.73 1.74 9.33
CA GLY A 219 -22.08 0.46 9.54
C GLY A 219 -20.67 0.36 9.01
N TRP A 220 -19.95 1.47 8.92
CA TRP A 220 -18.68 1.54 8.20
C TRP A 220 -17.47 1.27 9.09
N LEU A 221 -17.66 0.93 10.36
CA LEU A 221 -16.62 0.62 11.32
C LEU A 221 -16.58 -0.90 11.53
N PRO A 222 -15.41 -1.51 11.81
CA PRO A 222 -15.42 -2.93 12.14
C PRO A 222 -16.20 -3.15 13.43
N TRP A 223 -17.09 -4.16 13.41
CA TRP A 223 -18.03 -4.35 14.51
C TRP A 223 -17.32 -4.55 15.83
N ASP A 224 -16.25 -5.35 15.84
CA ASP A 224 -15.54 -5.60 17.08
C ASP A 224 -14.93 -4.31 17.61
N ASP A 225 -14.38 -3.47 16.74
CA ASP A 225 -13.83 -2.20 17.21
C ASP A 225 -14.93 -1.29 17.73
N LEU A 226 -16.08 -1.25 17.05
CA LEU A 226 -17.22 -0.48 17.52
C LEU A 226 -17.63 -0.92 18.91
N LEU A 227 -17.64 -2.22 19.15
CA LEU A 227 -17.91 -2.73 20.49
C LEU A 227 -16.82 -2.28 21.46
N ARG A 228 -15.57 -2.33 21.02
CA ARG A 228 -14.45 -2.00 21.89
C ARG A 228 -14.51 -0.55 22.35
N LEU A 229 -14.99 0.35 21.48
CA LEU A 229 -15.18 1.74 21.88
C LEU A 229 -16.25 1.88 22.95
N CYS A 230 -17.27 1.03 22.90
CA CYS A 230 -18.39 1.07 23.82
C CYS A 230 -18.21 0.17 25.05
N ASP A 231 -17.10 -0.56 25.14
CA ASP A 231 -16.83 -1.39 26.31
C ASP A 231 -16.32 -0.49 27.44
N ARG A 232 -15.90 -1.10 28.55
CA ARG A 232 -15.37 -0.41 29.71
C ARG A 232 -13.84 -0.42 29.77
N TYR A 233 -13.19 -1.34 29.08
CA TYR A 233 -11.77 -1.53 29.21
C TYR A 233 -11.00 -0.36 28.56
N PRO A 234 -9.75 -0.12 28.96
CA PRO A 234 -8.97 0.93 28.30
C PRO A 234 -8.67 0.57 26.86
N LEU A 235 -8.45 1.61 26.06
CA LEU A 235 -8.27 1.48 24.62
C LEU A 235 -7.26 2.51 24.13
N THR A 236 -6.61 2.19 23.01
CA THR A 236 -5.68 3.10 22.35
C THR A 236 -5.95 3.05 20.85
N VAL A 237 -6.54 4.10 20.31
CA VAL A 237 -6.80 4.19 18.88
C VAL A 237 -5.56 4.73 18.19
N GLU A 238 -5.47 4.47 16.88
CA GLU A 238 -4.28 4.73 16.09
C GLU A 238 -4.53 5.90 15.14
N THR A 239 -3.63 6.87 15.16
CA THR A 239 -3.68 8.05 14.30
C THR A 239 -2.49 8.05 13.35
N LYS A 240 -2.46 9.05 12.48
CA LYS A 240 -1.40 9.19 11.49
C LYS A 240 -0.16 9.69 12.22
N GLY A 241 0.71 8.76 12.62
CA GLY A 241 1.91 9.10 13.37
C GLY A 241 1.90 8.63 14.80
N GLY A 242 1.25 7.50 15.08
CA GLY A 242 1.27 6.85 16.37
C GLY A 242 -0.12 6.58 16.88
N THR A 243 -0.20 6.32 18.19
CA THR A 243 -1.44 5.96 18.86
C THR A 243 -1.76 6.97 19.96
N VAL A 244 -3.04 7.07 20.27
CA VAL A 244 -3.59 8.07 21.19
C VAL A 244 -4.58 7.40 22.14
N PRO A 245 -4.52 7.59 23.47
CA PRO A 245 -5.51 6.96 24.34
C PRO A 245 -6.93 7.47 24.07
N PHE A 246 -7.89 6.55 24.17
CA PHE A 246 -9.30 6.85 23.87
C PHE A 246 -10.05 7.10 25.17
N LEU A 247 -9.95 8.32 25.67
CA LEU A 247 -10.63 8.75 26.89
C LEU A 247 -11.94 9.42 26.56
N ALA A 248 -12.92 8.61 26.16
CA ALA A 248 -14.24 9.09 25.83
C ALA A 248 -15.15 8.86 27.02
N ARG A 249 -16.18 9.71 27.13
CA ARG A 249 -17.22 9.55 28.13
C ARG A 249 -18.62 9.50 27.55
N SER A 250 -18.84 9.99 26.33
CA SER A 250 -20.16 9.99 25.72
C SER A 250 -20.01 9.87 24.22
N ILE A 251 -20.46 8.75 23.65
CA ILE A 251 -20.41 8.51 22.21
C ILE A 251 -21.81 8.73 21.66
N LEU A 252 -22.00 9.79 20.86
CA LEU A 252 -23.31 10.10 20.27
C LEU A 252 -23.40 9.49 18.87
N ILE A 253 -23.71 8.20 18.81
CA ILE A 253 -23.70 7.51 17.53
C ILE A 253 -24.96 7.96 16.80
N THR A 254 -24.84 8.89 15.87
CA THR A 254 -25.98 9.47 15.16
C THR A 254 -26.14 8.77 13.83
N SER A 255 -27.35 8.34 13.53
CA SER A 255 -27.67 7.59 12.32
C SER A 255 -28.89 8.16 11.63
N ASN A 256 -29.36 7.46 10.60
CA ASN A 256 -30.63 7.73 9.97
C ASN A 256 -31.53 6.51 9.87
N GLN A 257 -31.04 5.30 10.19
CA GLN A 257 -31.79 4.06 10.07
C GLN A 257 -31.88 3.38 11.43
N THR A 258 -32.63 2.29 11.48
CA THR A 258 -32.80 1.50 12.70
C THR A 258 -31.44 0.97 13.16
N PRO A 259 -31.09 1.06 14.45
CA PRO A 259 -29.73 0.68 14.86
C PRO A 259 -29.39 -0.78 14.64
N LEU A 260 -30.38 -1.66 14.52
CA LEU A 260 -30.11 -3.08 14.39
C LEU A 260 -29.41 -3.41 13.08
N GLU A 261 -29.81 -2.74 12.00
CA GLU A 261 -29.39 -3.15 10.67
C GLU A 261 -27.94 -2.86 10.36
N TRP A 262 -27.22 -2.11 11.22
CA TRP A 262 -25.87 -1.66 10.92
C TRP A 262 -24.93 -2.82 10.60
N TYR A 263 -25.02 -3.90 11.38
CA TYR A 263 -24.15 -5.06 11.23
C TYR A 263 -24.99 -6.32 11.17
N SER A 264 -24.96 -6.99 10.01
CA SER A 264 -25.81 -8.15 9.77
C SER A 264 -25.48 -9.28 10.73
N SER A 265 -26.52 -10.00 11.15
CA SER A 265 -26.37 -11.06 12.15
C SER A 265 -25.48 -12.18 11.66
N THR A 266 -25.45 -12.44 10.34
CA THR A 266 -24.53 -13.43 9.81
C THR A 266 -23.09 -12.93 9.87
N ALA A 267 -22.89 -11.62 9.72
CA ALA A 267 -21.57 -11.03 9.70
C ALA A 267 -21.01 -10.73 11.09
N VAL A 268 -21.75 -11.05 12.15
CA VAL A 268 -21.39 -10.72 13.52
C VAL A 268 -21.52 -11.98 14.38
N PRO A 269 -20.57 -12.30 15.28
CA PRO A 269 -20.80 -13.47 16.15
C PRO A 269 -22.01 -13.34 17.06
N ALA A 270 -22.33 -12.13 17.55
CA ALA A 270 -23.46 -11.96 18.46
C ALA A 270 -23.93 -10.52 18.41
N VAL A 271 -25.14 -10.32 17.88
CA VAL A 271 -25.69 -8.97 17.76
C VAL A 271 -25.97 -8.35 19.12
N GLU A 272 -26.38 -9.18 20.09
CA GLU A 272 -26.73 -8.67 21.41
C GLU A 272 -25.55 -8.04 22.14
N ALA A 273 -24.32 -8.42 21.77
CA ALA A 273 -23.15 -7.84 22.42
C ALA A 273 -23.10 -6.33 22.21
N LEU A 274 -23.42 -5.87 21.00
CA LEU A 274 -23.54 -4.43 20.76
C LEU A 274 -24.65 -3.82 21.62
N TYR A 275 -25.79 -4.51 21.71
CA TYR A 275 -26.92 -4.00 22.46
C TYR A 275 -26.61 -3.79 23.93
N ARG A 276 -25.66 -4.54 24.48
CA ARG A 276 -25.45 -4.54 25.93
C ARG A 276 -24.91 -3.19 26.41
N ARG A 277 -24.05 -2.55 25.63
CA ARG A 277 -23.34 -1.36 26.07
C ARG A 277 -24.02 -0.06 25.68
N ILE A 278 -25.21 -0.09 25.09
CA ILE A 278 -25.92 1.13 24.76
C ILE A 278 -26.46 1.76 26.04
N THR A 279 -26.18 3.05 26.23
CA THR A 279 -26.72 3.75 27.39
C THR A 279 -28.15 4.21 27.17
N SER A 280 -28.42 4.88 26.04
CA SER A 280 -29.75 5.39 25.76
C SER A 280 -29.93 5.49 24.26
N LEU A 281 -31.21 5.51 23.84
CA LEU A 281 -31.60 5.46 22.44
C LEU A 281 -32.72 6.47 22.19
N VAL A 282 -32.71 7.06 21.00
CA VAL A 282 -33.70 8.07 20.60
C VAL A 282 -34.16 7.76 19.19
N PHE A 283 -35.47 7.61 19.01
CA PHE A 283 -36.12 7.56 17.71
C PHE A 283 -36.62 8.97 17.35
N TRP A 284 -37.38 9.09 16.26
CA TRP A 284 -37.99 10.35 15.83
C TRP A 284 -39.49 10.14 15.66
N LYS A 285 -40.25 11.19 15.99
CA LYS A 285 -41.72 11.15 16.04
C LYS A 285 -42.28 11.55 14.68
N ASN A 286 -43.60 11.77 14.59
CA ASN A 286 -44.28 12.01 13.32
C ASN A 286 -44.01 13.44 12.84
N ALA A 287 -42.77 13.67 12.46
CA ALA A 287 -42.27 14.91 11.87
C ALA A 287 -42.40 16.13 12.77
N THR A 288 -42.65 15.95 14.08
CA THR A 288 -42.82 17.06 15.01
C THR A 288 -41.77 17.08 16.12
N GLU A 289 -41.48 15.93 16.76
CA GLU A 289 -40.74 15.91 18.02
C GLU A 289 -39.65 14.83 18.03
N GLN A 290 -38.63 15.08 18.86
CA GLN A 290 -37.61 14.08 19.20
C GLN A 290 -38.06 13.37 20.48
N SER A 291 -38.38 12.08 20.37
CA SER A 291 -38.87 11.29 21.50
C SER A 291 -37.84 10.25 21.90
N THR A 292 -37.72 10.03 23.21
CA THR A 292 -36.80 9.03 23.74
C THR A 292 -37.46 7.67 23.73
N GLU A 293 -36.76 6.67 23.21
CA GLU A 293 -37.30 5.33 23.13
C GLU A 293 -37.07 4.60 24.45
N GLU A 294 -38.16 4.06 25.01
CA GLU A 294 -38.14 3.37 26.30
C GLU A 294 -38.86 2.05 26.14
N GLY A 295 -38.14 0.95 26.35
CA GLY A 295 -38.71 -0.39 26.40
C GLY A 295 -38.07 -1.39 25.48
N GLY A 296 -38.88 -2.35 25.01
CA GLY A 296 -38.42 -3.51 24.28
C GLY A 296 -39.05 -3.66 22.91
N GLN A 297 -39.26 -2.51 22.23
CA GLN A 297 -39.79 -2.52 20.87
C GLN A 297 -38.95 -3.38 19.92
N PHE A 298 -37.64 -3.44 20.14
CA PHE A 298 -36.70 -4.29 19.43
C PHE A 298 -35.92 -5.09 20.47
N VAL A 299 -34.89 -5.83 20.05
CA VAL A 299 -34.19 -6.72 20.97
C VAL A 299 -33.44 -5.87 21.99
N THR A 300 -33.89 -5.90 23.24
CA THR A 300 -33.39 -5.01 24.26
C THR A 300 -32.08 -5.54 24.83
N LEU A 301 -31.56 -4.83 25.83
CA LEU A 301 -30.23 -5.08 26.40
C LEU A 301 -30.31 -5.74 27.78
N LEU B 119 13.52 30.17 17.92
CA LEU B 119 12.16 29.95 17.42
C LEU B 119 11.07 30.24 18.45
N SER B 120 11.45 30.73 19.64
CA SER B 120 10.47 31.01 20.68
C SER B 120 9.50 32.09 20.24
N THR B 121 10.01 33.09 19.49
CA THR B 121 9.11 34.08 18.91
C THR B 121 8.15 33.44 17.94
N ALA B 122 8.62 32.49 17.14
CA ALA B 122 7.73 31.84 16.17
C ALA B 122 6.68 31.00 16.87
N VAL B 123 7.02 30.37 17.99
CA VAL B 123 6.02 29.57 18.68
C VAL B 123 4.98 30.45 19.33
N SER B 124 5.41 31.55 19.96
CA SER B 124 4.46 32.47 20.57
C SER B 124 3.57 33.12 19.51
N THR B 125 4.14 33.55 18.39
CA THR B 125 3.34 34.13 17.31
C THR B 125 2.49 33.08 16.60
N LEU B 126 2.70 31.79 16.85
CA LEU B 126 1.74 30.77 16.45
C LEU B 126 0.67 30.52 17.50
N LEU B 127 1.00 30.74 18.78
CA LEU B 127 0.08 30.35 19.86
C LEU B 127 -1.23 31.13 19.80
N GLU B 128 -1.17 32.43 19.53
CA GLU B 128 -2.36 33.26 19.51
C GLU B 128 -2.99 33.33 18.13
N SER B 129 -2.18 33.38 17.07
CA SER B 129 -2.73 33.47 15.73
C SER B 129 -3.31 32.13 15.30
N GLY B 130 -2.64 31.03 15.64
CA GLY B 130 -3.15 29.72 15.34
C GLY B 130 -3.27 29.45 13.85
N SER B 131 -2.34 29.99 13.06
CA SER B 131 -2.31 29.75 11.62
C SER B 131 -0.87 29.64 11.17
N LEU B 132 -0.52 28.48 10.62
CA LEU B 132 0.81 28.30 10.05
C LEU B 132 1.09 29.25 8.91
N VAL B 133 0.04 29.71 8.22
CA VAL B 133 0.21 30.66 7.12
C VAL B 133 0.88 31.92 7.63
N THR B 134 0.43 32.42 8.78
CA THR B 134 1.04 33.61 9.37
C THR B 134 2.49 33.37 9.74
N VAL B 135 2.80 32.19 10.29
CA VAL B 135 4.17 31.89 10.68
C VAL B 135 5.06 31.86 9.45
N ALA B 136 4.59 31.23 8.38
CA ALA B 136 5.35 31.15 7.15
C ALA B 136 5.49 32.52 6.49
N GLU B 137 4.55 33.43 6.74
CA GLU B 137 4.69 34.79 6.26
C GLU B 137 5.75 35.54 7.04
N GLN B 138 5.76 35.39 8.36
CA GLN B 138 6.65 36.21 9.19
C GLN B 138 8.07 35.66 9.20
N HIS B 139 8.25 34.41 9.65
CA HIS B 139 9.56 33.79 9.85
C HIS B 139 9.59 32.52 9.01
N PRO B 140 9.86 32.63 7.70
CA PRO B 140 9.93 31.40 6.89
C PRO B 140 10.98 30.42 7.37
N VAL B 141 12.15 30.93 7.78
CA VAL B 141 13.31 30.09 8.02
C VAL B 141 13.02 29.05 9.09
N THR B 142 12.46 29.47 10.21
CA THR B 142 12.06 28.50 11.22
C THR B 142 10.99 27.57 10.69
N PHE B 143 10.03 28.10 9.94
CA PHE B 143 9.00 27.23 9.40
C PHE B 143 9.56 26.24 8.40
N VAL B 144 10.68 26.55 7.76
CA VAL B 144 11.28 25.58 6.87
C VAL B 144 11.88 24.42 7.65
N ARG B 145 12.60 24.73 8.73
CA ARG B 145 13.37 23.68 9.39
C ARG B 145 12.47 22.72 10.16
N ASN B 146 11.51 23.24 10.93
CA ASN B 146 10.61 22.43 11.75
C ASN B 146 9.18 22.79 11.38
N PHE B 147 8.63 22.10 10.39
CA PHE B 147 7.25 22.30 9.97
C PHE B 147 6.32 21.24 10.49
N ARG B 148 6.79 20.00 10.64
CA ARG B 148 5.97 19.01 11.30
C ARG B 148 5.73 19.39 12.75
N GLY B 149 6.76 19.92 13.40
CA GLY B 149 6.63 20.27 14.80
C GLY B 149 5.60 21.34 15.07
N LEU B 150 5.63 22.43 14.29
CA LEU B 150 4.68 23.51 14.49
C LEU B 150 3.26 23.02 14.23
N ALA B 151 3.06 22.24 13.17
CA ALA B 151 1.72 21.76 12.87
C ALA B 151 1.20 20.83 13.96
N GLU B 152 2.06 19.95 14.47
CA GLU B 152 1.60 19.06 15.54
C GLU B 152 1.36 19.84 16.83
N LEU B 153 2.16 20.85 17.11
CA LEU B 153 1.91 21.70 18.28
C LEU B 153 0.57 22.38 18.16
N LEU B 154 0.25 22.88 16.98
CA LEU B 154 -1.05 23.51 16.75
C LEU B 154 -2.17 22.50 16.94
N LYS B 155 -1.99 21.27 16.46
CA LYS B 155 -3.02 20.26 16.64
C LYS B 155 -3.23 19.92 18.12
N VAL B 156 -2.14 19.80 18.87
CA VAL B 156 -2.26 19.36 20.26
C VAL B 156 -2.82 20.46 21.13
N SER B 157 -2.38 21.70 20.93
CA SER B 157 -2.87 22.80 21.78
C SER B 157 -4.36 23.08 21.61
N GLY B 158 -5.00 22.53 20.58
CA GLY B 158 -6.44 22.61 20.42
C GLY B 158 -6.92 23.85 19.70
N LYS B 159 -6.05 24.81 19.42
CA LYS B 159 -6.44 25.99 18.65
C LYS B 159 -6.41 25.71 17.15
N MET B 160 -7.12 24.68 16.71
CA MET B 160 -7.30 24.38 15.30
C MET B 160 -8.44 25.25 14.80
N GLN B 161 -8.92 25.00 13.58
CA GLN B 161 -9.94 25.80 12.93
C GLN B 161 -11.07 24.85 12.55
N LYS B 162 -12.01 24.67 13.48
CA LYS B 162 -13.21 23.92 13.18
C LYS B 162 -14.14 24.77 12.32
N ARG B 163 -15.20 24.14 11.84
CA ARG B 163 -16.19 24.74 10.95
C ARG B 163 -17.52 24.79 11.69
N ASP B 164 -18.21 25.94 11.62
CA ASP B 164 -19.56 26.08 12.16
C ASP B 164 -20.48 26.87 11.24
N TRP B 165 -20.26 26.81 9.93
CA TRP B 165 -21.03 27.57 8.96
C TRP B 165 -21.44 26.70 7.79
N LYS B 166 -22.65 26.93 7.29
CA LYS B 166 -23.13 26.16 6.15
C LYS B 166 -22.34 26.53 4.92
N THR B 167 -21.91 25.52 4.19
CA THR B 167 -21.09 25.69 2.99
C THR B 167 -22.02 25.69 1.79
N ASN B 168 -22.07 26.83 1.10
CA ASN B 168 -22.92 26.91 -0.08
C ASN B 168 -22.43 25.93 -1.13
N VAL B 169 -23.36 25.32 -1.86
CA VAL B 169 -23.03 24.34 -2.90
C VAL B 169 -23.74 24.80 -4.17
N HIS B 170 -23.04 25.55 -5.01
CA HIS B 170 -23.59 26.00 -6.29
C HIS B 170 -23.31 24.92 -7.32
N VAL B 171 -24.36 24.36 -7.93
CA VAL B 171 -24.22 23.29 -8.90
C VAL B 171 -24.49 23.85 -10.28
N ILE B 172 -23.56 23.64 -11.20
CA ILE B 172 -23.68 24.05 -12.59
C ILE B 172 -23.84 22.79 -13.44
N VAL B 173 -24.80 22.81 -14.35
CA VAL B 173 -25.07 21.69 -15.24
C VAL B 173 -25.12 22.22 -16.65
N GLY B 174 -24.55 21.49 -17.59
CA GLY B 174 -24.68 21.83 -18.98
C GLY B 174 -23.93 20.88 -19.90
N PRO B 175 -24.33 20.80 -21.18
CA PRO B 175 -23.62 19.95 -22.11
C PRO B 175 -22.20 20.45 -22.32
N PRO B 176 -21.24 19.56 -22.60
CA PRO B 176 -19.83 19.98 -22.64
C PRO B 176 -19.56 21.02 -23.72
N GLY B 177 -18.66 21.95 -23.39
CA GLY B 177 -18.34 23.04 -24.26
C GLY B 177 -19.18 24.28 -24.07
N CYS B 178 -20.27 24.20 -23.31
CA CYS B 178 -21.10 25.37 -23.09
C CYS B 178 -20.44 26.41 -22.19
N GLY B 179 -19.37 26.05 -21.48
CA GLY B 179 -18.68 26.98 -20.61
C GLY B 179 -19.03 26.85 -19.15
N LYS B 180 -19.21 25.63 -18.66
CA LYS B 180 -19.42 25.44 -17.23
C LYS B 180 -18.23 25.94 -16.45
N SER B 181 -17.06 25.33 -16.69
CA SER B 181 -15.92 25.50 -15.81
C SER B 181 -15.35 26.91 -15.83
N LYS B 182 -15.57 27.70 -16.89
CA LYS B 182 -15.04 29.07 -16.89
C LYS B 182 -15.73 29.92 -15.84
N TRP B 183 -16.96 29.56 -15.49
CA TRP B 183 -17.67 30.28 -14.47
C TRP B 183 -17.12 29.95 -13.10
N ALA B 184 -16.61 28.73 -12.92
CA ALA B 184 -15.93 28.38 -11.68
C ALA B 184 -14.55 28.98 -11.63
N ALA B 185 -13.86 29.01 -12.76
CA ALA B 185 -12.50 29.50 -12.80
C ALA B 185 -12.40 31.00 -12.63
N ASN B 186 -13.51 31.74 -12.76
CA ASN B 186 -13.50 33.19 -12.56
C ASN B 186 -14.23 33.63 -11.31
N PHE B 187 -14.68 32.70 -10.46
CA PHE B 187 -15.77 33.07 -9.57
C PHE B 187 -15.34 33.91 -8.39
N ALA B 188 -14.48 33.36 -7.52
CA ALA B 188 -14.08 34.09 -6.31
C ALA B 188 -12.78 34.87 -6.46
N ASP B 189 -11.73 34.18 -6.77
CA ASP B 189 -10.39 34.74 -6.87
C ASP B 189 -9.53 33.67 -7.52
N PRO B 190 -8.60 33.99 -8.43
CA PRO B 190 -7.68 32.93 -8.88
C PRO B 190 -6.77 32.38 -7.78
N GLU B 191 -6.63 33.05 -6.63
CA GLU B 191 -5.67 32.65 -5.60
C GLU B 191 -6.26 31.84 -4.45
N THR B 192 -7.58 31.81 -4.29
CA THR B 192 -8.26 31.17 -3.18
C THR B 192 -9.30 30.19 -3.70
N THR B 193 -8.91 29.39 -4.68
CA THR B 193 -9.72 28.28 -5.14
C THR B 193 -8.85 27.04 -5.20
N TYR B 194 -9.36 25.95 -4.65
CA TYR B 194 -8.70 24.66 -4.62
C TYR B 194 -9.42 23.75 -5.58
N TRP B 195 -8.89 23.60 -6.78
CA TRP B 195 -9.42 22.66 -7.76
C TRP B 195 -9.15 21.25 -7.32
N LYS B 196 -10.18 20.55 -6.84
CA LYS B 196 -9.96 19.27 -6.18
C LYS B 196 -9.36 18.26 -7.14
N PRO B 197 -8.34 17.50 -6.73
CA PRO B 197 -7.85 16.44 -7.60
C PRO B 197 -8.93 15.41 -7.83
N PRO B 198 -9.14 14.96 -9.05
CA PRO B 198 -10.34 14.18 -9.34
C PRO B 198 -10.12 12.72 -8.99
N ARG B 199 -11.22 11.96 -8.99
CA ARG B 199 -11.24 10.50 -9.00
C ARG B 199 -10.69 9.86 -7.72
N ASN B 200 -10.29 10.63 -6.71
CA ASN B 200 -9.66 10.05 -5.52
C ASN B 200 -9.98 10.92 -4.32
N LYS B 201 -9.72 10.35 -3.14
CA LYS B 201 -10.14 10.93 -1.88
C LYS B 201 -9.05 11.78 -1.23
N TRP B 202 -8.02 12.16 -1.97
CA TRP B 202 -6.89 12.89 -1.43
C TRP B 202 -7.04 14.38 -1.73
N TRP B 203 -6.86 15.20 -0.71
CA TRP B 203 -7.03 16.64 -0.78
C TRP B 203 -5.69 17.32 -0.56
N ASP B 204 -4.63 16.74 -1.13
CA ASP B 204 -3.28 17.14 -0.78
C ASP B 204 -3.03 18.59 -1.14
N GLY B 205 -2.17 19.22 -0.34
CA GLY B 205 -1.68 20.53 -0.67
C GLY B 205 -2.70 21.61 -0.43
N TYR B 206 -3.78 21.32 0.30
CA TYR B 206 -4.89 22.25 0.24
C TYR B 206 -4.62 23.47 1.09
N HIS B 207 -4.43 23.27 2.38
CA HIS B 207 -3.85 24.11 3.43
C HIS B 207 -4.24 25.57 3.21
N GLY B 208 -5.53 25.80 3.01
CA GLY B 208 -6.41 26.82 3.48
C GLY B 208 -6.69 27.87 2.43
N GLU B 209 -7.80 27.83 1.70
CA GLU B 209 -9.12 28.23 2.13
C GLU B 209 -10.00 27.93 0.92
N GLU B 210 -11.29 27.69 1.12
CA GLU B 210 -12.60 28.35 1.04
C GLU B 210 -13.37 28.75 -0.22
N VAL B 211 -12.89 28.70 -1.44
CA VAL B 211 -13.52 27.98 -2.54
C VAL B 211 -12.99 26.55 -2.62
N VAL B 212 -13.87 25.56 -2.72
CA VAL B 212 -13.47 24.23 -3.14
C VAL B 212 -14.26 23.89 -4.39
N VAL B 213 -13.57 23.72 -5.53
CA VAL B 213 -14.26 23.49 -6.80
C VAL B 213 -13.96 22.08 -7.25
N ILE B 214 -14.87 21.16 -6.92
CA ILE B 214 -14.91 19.83 -7.51
C ILE B 214 -15.35 20.00 -8.95
N ASP B 215 -14.47 19.76 -9.92
CA ASP B 215 -14.87 19.98 -11.31
C ASP B 215 -15.28 18.69 -11.99
N ASP B 216 -16.07 18.83 -13.05
CA ASP B 216 -16.50 17.78 -14.00
C ASP B 216 -17.14 16.56 -13.33
N PHE B 217 -17.64 16.72 -12.11
CA PHE B 217 -18.24 15.65 -11.29
C PHE B 217 -19.28 14.80 -12.02
N TYR B 218 -19.32 13.48 -11.76
CA TYR B 218 -20.55 12.72 -11.96
C TYR B 218 -20.83 11.69 -10.85
N GLY B 219 -20.40 11.94 -9.62
CA GLY B 219 -20.64 10.99 -8.55
C GLY B 219 -19.45 10.15 -8.15
N TRP B 220 -18.24 10.57 -8.49
CA TRP B 220 -17.05 9.74 -8.27
C TRP B 220 -16.46 9.94 -6.89
N LEU B 221 -17.24 10.43 -5.93
CA LEU B 221 -16.93 10.65 -4.55
C LEU B 221 -17.91 9.82 -3.72
N PRO B 222 -17.50 9.23 -2.60
CA PRO B 222 -18.43 8.43 -1.80
C PRO B 222 -19.64 9.24 -1.34
N TRP B 223 -20.80 8.59 -1.31
CA TRP B 223 -22.06 9.30 -1.06
C TRP B 223 -22.06 9.96 0.31
N ASP B 224 -21.72 9.22 1.36
CA ASP B 224 -21.76 9.80 2.70
C ASP B 224 -20.75 10.92 2.83
N ASP B 225 -19.58 10.78 2.22
CA ASP B 225 -18.61 11.86 2.27
C ASP B 225 -19.07 13.08 1.49
N LEU B 226 -19.80 12.89 0.39
CA LEU B 226 -20.33 14.04 -0.33
C LEU B 226 -21.43 14.73 0.46
N LEU B 227 -22.23 13.98 1.21
CA LEU B 227 -23.17 14.62 2.13
C LEU B 227 -22.42 15.39 3.19
N ARG B 228 -21.33 14.83 3.70
CA ARG B 228 -20.64 15.42 4.82
C ARG B 228 -19.83 16.66 4.44
N LEU B 229 -19.36 16.73 3.19
CA LEU B 229 -18.70 17.95 2.75
C LEU B 229 -19.64 19.15 2.75
N CYS B 230 -20.93 18.92 2.57
CA CYS B 230 -21.90 19.97 2.30
C CYS B 230 -22.77 20.27 3.52
N ASP B 231 -22.20 20.19 4.72
CA ASP B 231 -22.91 20.39 5.98
C ASP B 231 -22.24 21.51 6.77
N ARG B 232 -22.80 21.81 7.93
CA ARG B 232 -22.36 22.90 8.78
C ARG B 232 -21.37 22.49 9.86
N TYR B 233 -21.33 21.22 10.22
CA TYR B 233 -20.56 20.71 11.34
C TYR B 233 -19.15 20.33 10.89
N PRO B 234 -18.17 20.29 11.81
CA PRO B 234 -16.77 20.13 11.40
C PRO B 234 -16.50 18.86 10.62
N LEU B 235 -15.32 18.83 10.02
CA LEU B 235 -14.87 17.69 9.25
C LEU B 235 -13.37 17.82 9.01
N THR B 236 -12.62 16.75 9.27
CA THR B 236 -11.23 16.65 8.86
C THR B 236 -11.17 15.83 7.60
N VAL B 237 -10.37 16.29 6.64
CA VAL B 237 -10.23 15.68 5.33
C VAL B 237 -8.81 15.15 5.18
N GLU B 238 -8.66 14.12 4.34
CA GLU B 238 -7.47 13.28 4.32
C GLU B 238 -6.46 13.71 3.26
N THR B 239 -5.18 13.69 3.61
CA THR B 239 -4.06 14.03 2.72
C THR B 239 -3.00 12.93 2.75
N LYS B 240 -1.98 13.09 1.90
CA LYS B 240 -0.87 12.13 1.83
C LYS B 240 0.17 12.57 2.86
N GLY B 241 -0.03 12.13 4.09
CA GLY B 241 0.83 12.51 5.20
C GLY B 241 0.06 12.77 6.49
N GLY B 242 -1.24 12.99 6.40
CA GLY B 242 -2.03 13.30 7.57
C GLY B 242 -3.36 13.87 7.17
N THR B 243 -3.88 14.77 8.00
CA THR B 243 -5.20 15.36 7.81
C THR B 243 -5.12 16.87 7.95
N VAL B 244 -5.83 17.57 7.07
CA VAL B 244 -5.89 19.03 7.06
C VAL B 244 -7.34 19.40 7.28
N PRO B 245 -7.68 20.26 8.26
CA PRO B 245 -9.09 20.50 8.56
C PRO B 245 -9.80 21.16 7.42
N PHE B 246 -11.07 20.83 7.26
CA PHE B 246 -11.88 21.32 6.15
C PHE B 246 -12.71 22.49 6.62
N LEU B 247 -12.64 23.58 5.87
CA LEU B 247 -13.46 24.76 6.15
C LEU B 247 -13.68 25.46 4.82
N ALA B 248 -14.85 25.27 4.21
CA ALA B 248 -15.12 25.81 2.90
C ALA B 248 -16.34 26.69 2.95
N ARG B 249 -16.19 27.94 2.50
CA ARG B 249 -17.32 28.85 2.46
C ARG B 249 -18.20 28.68 1.24
N SER B 250 -17.74 27.99 0.20
CA SER B 250 -18.62 27.69 -0.91
C SER B 250 -17.99 26.63 -1.79
N ILE B 251 -18.76 25.60 -2.11
CA ILE B 251 -18.34 24.54 -3.01
C ILE B 251 -19.03 24.78 -4.35
N LEU B 252 -18.27 24.71 -5.43
CA LEU B 252 -18.80 24.74 -6.79
C LEU B 252 -18.65 23.37 -7.41
N ILE B 253 -19.76 22.77 -7.84
CA ILE B 253 -19.78 21.45 -8.45
C ILE B 253 -20.21 21.63 -9.88
N THR B 254 -19.40 21.14 -10.82
CA THR B 254 -19.66 21.22 -12.25
C THR B 254 -19.90 19.83 -12.81
N SER B 255 -20.97 19.69 -13.59
CA SER B 255 -21.39 18.39 -14.09
C SER B 255 -21.93 18.51 -15.50
N ASN B 256 -22.15 17.35 -16.11
CA ASN B 256 -22.83 17.22 -17.40
C ASN B 256 -24.24 16.70 -17.27
N GLN B 257 -24.51 15.84 -16.31
CA GLN B 257 -25.86 15.43 -15.98
C GLN B 257 -26.40 16.33 -14.88
N THR B 258 -27.71 16.30 -14.72
CA THR B 258 -28.32 16.93 -13.57
C THR B 258 -27.95 16.11 -12.34
N PRO B 259 -27.95 16.71 -11.14
CA PRO B 259 -27.69 15.92 -9.91
C PRO B 259 -28.65 14.76 -9.65
N LEU B 260 -29.74 14.61 -10.39
CA LEU B 260 -30.67 13.52 -10.14
C LEU B 260 -30.04 12.16 -10.41
N GLU B 261 -29.01 12.10 -11.27
CA GLU B 261 -28.37 10.84 -11.67
C GLU B 261 -26.88 10.82 -11.34
N TRP B 262 -26.44 11.59 -10.35
CA TRP B 262 -25.08 11.43 -9.88
C TRP B 262 -24.89 10.07 -9.20
N TYR B 263 -25.91 9.62 -8.48
CA TYR B 263 -25.86 8.36 -7.76
C TYR B 263 -27.06 7.50 -8.13
N SER B 264 -26.89 6.19 -7.99
CA SER B 264 -27.99 5.26 -8.14
C SER B 264 -29.09 5.59 -7.13
N SER B 265 -30.27 5.92 -7.63
CA SER B 265 -31.40 6.25 -6.76
C SER B 265 -31.86 5.06 -5.92
N THR B 266 -31.50 3.83 -6.29
CA THR B 266 -31.85 2.64 -5.51
C THR B 266 -30.75 2.27 -4.53
N ALA B 267 -29.49 2.34 -4.94
CA ALA B 267 -28.36 2.00 -4.08
C ALA B 267 -28.07 3.05 -3.00
N VAL B 268 -28.88 4.09 -2.85
CA VAL B 268 -28.69 5.14 -1.85
C VAL B 268 -29.90 5.11 -0.94
N PRO B 269 -29.74 5.10 0.43
CA PRO B 269 -30.92 5.00 1.31
C PRO B 269 -31.97 6.09 1.14
N ALA B 270 -31.57 7.37 1.26
CA ALA B 270 -32.49 8.49 1.10
C ALA B 270 -31.77 9.55 0.28
N VAL B 271 -32.16 9.69 -0.98
CA VAL B 271 -31.49 10.63 -1.87
C VAL B 271 -31.92 12.07 -1.67
N GLU B 272 -32.97 12.32 -0.88
CA GLU B 272 -33.37 13.70 -0.62
C GLU B 272 -32.32 14.45 0.20
N ALA B 273 -31.44 13.75 0.90
CA ALA B 273 -30.48 14.40 1.78
C ALA B 273 -29.36 15.12 1.04
N LEU B 274 -29.18 14.88 -0.27
CA LEU B 274 -28.26 15.67 -1.08
C LEU B 274 -28.93 16.92 -1.62
N TYR B 275 -30.12 16.76 -2.22
CA TYR B 275 -30.81 17.91 -2.80
C TYR B 275 -31.11 18.97 -1.76
N ARG B 276 -31.29 18.57 -0.51
CA ARG B 276 -31.58 19.54 0.54
C ARG B 276 -30.42 20.48 0.82
N ARG B 277 -29.20 20.10 0.45
CA ARG B 277 -28.01 20.87 0.76
C ARG B 277 -27.61 21.85 -0.33
N ILE B 278 -27.93 21.56 -1.59
CA ILE B 278 -27.60 22.46 -2.69
C ILE B 278 -28.29 23.79 -2.47
N THR B 279 -27.51 24.88 -2.52
CA THR B 279 -28.08 26.20 -2.34
C THR B 279 -28.49 26.84 -3.65
N SER B 280 -27.94 26.43 -4.78
CA SER B 280 -28.34 27.00 -6.06
C SER B 280 -27.94 26.04 -7.18
N LEU B 281 -28.89 25.72 -8.04
CA LEU B 281 -28.70 24.76 -9.13
C LEU B 281 -28.81 25.51 -10.45
N VAL B 282 -27.68 25.89 -11.01
CA VAL B 282 -27.63 26.73 -12.20
C VAL B 282 -27.54 25.83 -13.42
N PHE B 283 -28.35 26.12 -14.44
CA PHE B 283 -28.51 25.26 -15.60
C PHE B 283 -27.99 25.96 -16.85
N TRP B 284 -28.15 25.28 -17.99
CA TRP B 284 -27.86 25.82 -19.30
C TRP B 284 -29.10 25.62 -20.16
N LYS B 285 -29.61 26.71 -20.73
CA LYS B 285 -30.80 26.71 -21.56
C LYS B 285 -30.40 26.52 -23.03
N ASN B 286 -31.36 26.69 -23.94
CA ASN B 286 -31.26 26.16 -25.30
C ASN B 286 -30.30 27.04 -26.11
N ALA B 287 -29.02 26.75 -25.92
CA ALA B 287 -27.92 27.37 -26.66
C ALA B 287 -27.88 28.88 -26.54
N THR B 288 -28.37 29.42 -25.42
CA THR B 288 -28.40 30.86 -25.17
C THR B 288 -27.51 31.31 -24.02
N GLU B 289 -27.64 30.71 -22.85
CA GLU B 289 -27.05 31.30 -21.63
C GLU B 289 -27.12 30.27 -20.51
N GLN B 290 -26.69 30.69 -19.32
CA GLN B 290 -26.78 29.90 -18.09
C GLN B 290 -27.87 30.52 -17.23
N SER B 291 -29.11 30.05 -17.43
CA SER B 291 -30.27 30.58 -16.72
C SER B 291 -30.44 29.83 -15.41
N THR B 292 -30.32 30.55 -14.29
CA THR B 292 -30.42 29.94 -12.98
C THR B 292 -31.81 29.34 -12.77
N GLU B 293 -31.85 28.06 -12.44
CA GLU B 293 -33.12 27.44 -12.08
C GLU B 293 -33.48 27.79 -10.64
N GLU B 294 -34.76 27.58 -10.32
CA GLU B 294 -35.32 27.87 -9.01
C GLU B 294 -35.58 26.55 -8.30
N GLY B 295 -35.07 26.43 -7.08
CA GLY B 295 -35.17 25.18 -6.37
C GLY B 295 -36.56 24.93 -5.84
N GLY B 296 -36.76 23.71 -5.36
CA GLY B 296 -38.02 23.32 -4.79
C GLY B 296 -39.11 23.00 -5.80
N GLN B 297 -38.87 23.21 -7.09
CA GLN B 297 -39.90 22.93 -8.08
C GLN B 297 -39.93 21.44 -8.42
N PHE B 298 -38.81 20.92 -8.92
CA PHE B 298 -38.75 19.54 -9.37
C PHE B 298 -38.35 18.59 -8.23
N VAL B 299 -37.42 19.00 -7.39
CA VAL B 299 -37.10 18.33 -6.13
C VAL B 299 -36.76 19.40 -5.09
N THR B 300 -36.49 18.98 -3.86
CA THR B 300 -36.24 19.92 -2.78
C THR B 300 -34.92 20.64 -3.00
N LEU B 301 -34.76 21.78 -2.32
CA LEU B 301 -33.52 22.55 -2.40
C LEU B 301 -33.35 23.48 -1.21
N LEU C 119 21.06 28.85 3.91
CA LEU C 119 19.65 28.61 3.69
C LEU C 119 18.84 29.88 3.78
N SER C 120 19.29 30.81 4.64
CA SER C 120 18.56 32.05 4.90
C SER C 120 18.31 32.86 3.63
N THR C 121 19.18 32.72 2.63
CA THR C 121 18.97 33.30 1.31
C THR C 121 18.22 32.36 0.38
N ALA C 122 18.45 31.05 0.53
CA ALA C 122 17.76 30.07 -0.31
C ALA C 122 16.26 30.13 -0.12
N VAL C 123 15.80 30.28 1.13
CA VAL C 123 14.38 30.43 1.38
C VAL C 123 13.86 31.70 0.72
N SER C 124 14.65 32.76 0.76
CA SER C 124 14.24 34.00 0.11
C SER C 124 14.05 33.80 -1.39
N THR C 125 14.95 33.08 -2.02
CA THR C 125 14.75 32.76 -3.44
C THR C 125 13.50 31.91 -3.63
N LEU C 126 13.28 30.95 -2.74
CA LEU C 126 12.18 30.01 -2.90
C LEU C 126 10.83 30.71 -2.83
N LEU C 127 10.69 31.64 -1.89
CA LEU C 127 9.38 32.24 -1.65
C LEU C 127 8.94 33.12 -2.81
N GLU C 128 9.89 33.69 -3.57
CA GLU C 128 9.59 34.65 -4.63
C GLU C 128 9.79 34.11 -6.03
N SER C 129 10.59 33.05 -6.20
CA SER C 129 10.63 32.37 -7.49
C SER C 129 9.41 31.49 -7.68
N GLY C 130 8.93 30.88 -6.61
CA GLY C 130 7.74 30.05 -6.69
C GLY C 130 7.93 28.71 -7.32
N SER C 131 9.17 28.27 -7.53
CA SER C 131 9.46 27.00 -8.20
C SER C 131 10.66 26.36 -7.53
N LEU C 132 10.47 25.16 -6.97
CA LEU C 132 11.57 24.46 -6.32
C LEU C 132 12.70 24.15 -7.27
N VAL C 133 12.43 24.04 -8.57
CA VAL C 133 13.47 23.78 -9.56
C VAL C 133 14.52 24.87 -9.52
N THR C 134 14.08 26.12 -9.35
CA THR C 134 15.00 27.26 -9.29
C THR C 134 15.96 27.12 -8.13
N VAL C 135 15.44 26.82 -6.94
CA VAL C 135 16.28 26.66 -5.77
C VAL C 135 17.22 25.50 -5.97
N ALA C 136 16.69 24.40 -6.50
CA ALA C 136 17.50 23.21 -6.73
C ALA C 136 18.63 23.46 -7.70
N GLU C 137 18.50 24.45 -8.58
CA GLU C 137 19.58 24.78 -9.50
C GLU C 137 20.53 25.86 -8.95
N GLN C 138 20.05 26.75 -8.09
CA GLN C 138 20.94 27.83 -7.65
C GLN C 138 21.97 27.35 -6.64
N HIS C 139 21.49 26.83 -5.49
CA HIS C 139 22.34 26.31 -4.41
C HIS C 139 21.84 24.91 -4.11
N PRO C 140 22.33 23.88 -4.82
CA PRO C 140 21.84 22.53 -4.54
C PRO C 140 22.11 22.07 -3.12
N VAL C 141 23.24 22.47 -2.53
CA VAL C 141 23.69 21.88 -1.27
C VAL C 141 22.72 22.17 -0.14
N THR C 142 22.18 23.39 -0.08
CA THR C 142 21.13 23.70 0.89
C THR C 142 19.75 23.27 0.43
N PHE C 143 19.64 22.62 -0.73
CA PHE C 143 18.44 21.90 -1.11
C PHE C 143 18.55 20.41 -0.83
N VAL C 144 19.76 19.86 -0.80
CA VAL C 144 19.91 18.46 -0.40
C VAL C 144 19.41 18.28 1.02
N ARG C 145 19.82 19.17 1.92
CA ARG C 145 19.25 19.25 3.25
C ARG C 145 18.05 20.17 3.23
N ASN C 146 17.08 19.90 4.10
CA ASN C 146 15.87 20.69 4.23
C ASN C 146 15.01 20.67 2.96
N PHE C 147 14.98 19.56 2.23
CA PHE C 147 14.16 19.55 1.01
C PHE C 147 12.69 19.42 1.31
N ARG C 148 12.31 18.70 2.37
CA ARG C 148 10.90 18.65 2.74
C ARG C 148 10.44 20.03 3.20
N GLY C 149 11.28 20.72 3.97
CA GLY C 149 10.91 22.01 4.51
C GLY C 149 10.58 23.03 3.45
N LEU C 150 11.40 23.10 2.40
CA LEU C 150 11.13 24.07 1.34
C LEU C 150 9.84 23.74 0.62
N ALA C 151 9.59 22.46 0.33
CA ALA C 151 8.36 22.12 -0.36
C ALA C 151 7.13 22.36 0.50
N GLU C 152 7.29 22.41 1.83
CA GLU C 152 6.13 22.63 2.68
C GLU C 152 5.91 24.10 2.92
N LEU C 153 7.00 24.87 2.99
CA LEU C 153 6.85 26.32 2.98
C LEU C 153 6.19 26.77 1.69
N LEU C 154 6.61 26.21 0.56
CA LEU C 154 6.01 26.57 -0.71
C LEU C 154 4.53 26.20 -0.76
N LYS C 155 4.16 25.05 -0.21
CA LYS C 155 2.75 24.68 -0.20
C LYS C 155 1.95 25.63 0.70
N VAL C 156 2.49 25.98 1.86
CA VAL C 156 1.74 26.82 2.80
C VAL C 156 1.57 28.22 2.26
N SER C 157 2.67 28.83 1.79
CA SER C 157 2.64 30.25 1.43
C SER C 157 1.73 30.56 0.27
N GLY C 158 1.33 29.55 -0.52
CA GLY C 158 0.40 29.75 -1.61
C GLY C 158 1.04 30.13 -2.92
N LYS C 159 2.34 30.38 -2.94
CA LYS C 159 3.04 30.72 -4.18
C LYS C 159 3.38 29.49 -5.01
N MET C 160 2.82 28.32 -4.71
CA MET C 160 2.96 27.16 -5.57
C MET C 160 2.28 27.44 -6.91
N GLN C 161 2.94 27.03 -7.98
CA GLN C 161 2.52 27.42 -9.31
C GLN C 161 1.33 26.58 -9.76
N LYS C 162 0.29 27.26 -10.24
CA LYS C 162 -0.90 26.63 -10.78
C LYS C 162 -0.78 26.63 -12.30
N ARG C 163 -1.82 26.14 -12.96
CA ARG C 163 -2.00 26.25 -14.40
C ARG C 163 -3.21 27.12 -14.68
N ASP C 164 -3.04 28.11 -15.56
CA ASP C 164 -4.16 28.90 -16.09
C ASP C 164 -4.12 29.05 -17.61
N TRP C 165 -3.19 28.40 -18.30
CA TRP C 165 -3.05 28.46 -19.75
C TRP C 165 -3.74 27.23 -20.35
N LYS C 166 -3.70 27.12 -21.67
CA LYS C 166 -4.31 26.02 -22.41
C LYS C 166 -3.19 25.09 -22.86
N THR C 167 -3.28 23.82 -22.48
CA THR C 167 -2.28 22.84 -22.84
C THR C 167 -2.65 22.28 -24.20
N ASN C 168 -2.00 22.76 -25.24
CA ASN C 168 -2.33 22.35 -26.60
C ASN C 168 -1.88 20.91 -26.85
N VAL C 169 -2.80 20.07 -27.31
CA VAL C 169 -2.60 18.63 -27.40
C VAL C 169 -2.42 18.23 -28.85
N HIS C 170 -1.28 17.63 -29.16
CA HIS C 170 -0.99 17.07 -30.48
C HIS C 170 -1.25 15.58 -30.42
N VAL C 171 -1.95 15.05 -31.42
CA VAL C 171 -2.21 13.63 -31.54
C VAL C 171 -1.55 13.14 -32.79
N ILE C 172 -0.78 12.06 -32.69
CA ILE C 172 -0.09 11.44 -33.81
C ILE C 172 -0.65 10.04 -34.00
N VAL C 173 -0.93 9.67 -35.25
CA VAL C 173 -1.46 8.36 -35.58
C VAL C 173 -0.59 7.77 -36.68
N GLY C 174 -0.62 6.44 -36.76
CA GLY C 174 0.02 5.72 -37.84
C GLY C 174 0.39 4.31 -37.43
N PRO C 175 0.58 3.40 -38.38
CA PRO C 175 0.93 2.03 -38.02
C PRO C 175 2.32 1.96 -37.41
N PRO C 176 2.63 0.92 -36.62
CA PRO C 176 3.86 0.93 -35.82
C PRO C 176 5.12 0.97 -36.67
N GLY C 177 6.18 1.52 -36.10
CA GLY C 177 7.46 1.59 -36.76
C GLY C 177 7.61 2.73 -37.75
N CYS C 178 6.55 3.44 -38.07
CA CYS C 178 6.61 4.56 -38.99
C CYS C 178 7.29 5.78 -38.41
N GLY C 179 7.87 5.78 -37.21
CA GLY C 179 8.55 6.95 -36.69
C GLY C 179 7.69 7.88 -35.86
N LYS C 180 6.60 7.39 -35.28
CA LYS C 180 5.82 8.22 -34.38
C LYS C 180 6.68 8.69 -33.21
N SER C 181 7.34 7.76 -32.52
CA SER C 181 8.08 8.12 -31.32
C SER C 181 9.25 9.04 -31.64
N LYS C 182 9.90 8.87 -32.79
CA LYS C 182 11.03 9.73 -33.13
C LYS C 182 10.60 11.17 -33.26
N TRP C 183 9.47 11.40 -33.91
CA TRP C 183 8.95 12.76 -34.00
C TRP C 183 8.65 13.32 -32.63
N ALA C 184 8.19 12.47 -31.71
CA ALA C 184 7.86 12.94 -30.37
C ALA C 184 9.10 13.30 -29.59
N ALA C 185 10.19 12.56 -29.79
CA ALA C 185 11.45 12.95 -29.18
C ALA C 185 12.10 14.14 -29.87
N ASN C 186 11.70 14.45 -31.10
CA ASN C 186 12.22 15.60 -31.84
C ASN C 186 11.30 16.82 -31.79
N PHE C 187 10.31 16.82 -30.91
CA PHE C 187 9.40 17.97 -30.77
C PHE C 187 9.93 19.01 -29.81
N ALA C 188 10.71 18.61 -28.81
CA ALA C 188 11.28 19.55 -27.87
C ALA C 188 12.58 18.98 -27.35
N ASP C 189 13.28 19.76 -26.54
CA ASP C 189 14.57 19.34 -26.04
C ASP C 189 14.39 18.16 -25.09
N PRO C 190 15.28 17.16 -25.11
CA PRO C 190 15.14 16.04 -24.17
C PRO C 190 15.29 16.44 -22.72
N GLU C 191 15.83 17.62 -22.44
CA GLU C 191 15.92 18.10 -21.07
C GLU C 191 14.56 18.32 -20.42
N THR C 192 13.50 18.52 -21.22
CA THR C 192 12.18 18.90 -20.73
C THR C 192 11.12 17.84 -20.97
N THR C 193 11.17 17.10 -22.08
CA THR C 193 10.15 16.10 -22.38
C THR C 193 10.08 15.03 -21.29
N TYR C 194 8.95 14.97 -20.60
CA TYR C 194 8.68 13.92 -19.62
C TYR C 194 7.88 12.85 -20.32
N TRP C 195 8.49 11.67 -20.49
CA TRP C 195 7.81 10.54 -21.10
C TRP C 195 6.97 9.83 -20.06
N LYS C 196 5.66 9.81 -20.27
CA LYS C 196 4.75 9.29 -19.25
C LYS C 196 4.99 7.79 -19.03
N PRO C 197 5.10 7.31 -17.79
CA PRO C 197 5.18 5.86 -17.58
C PRO C 197 3.91 5.19 -18.07
N PRO C 198 3.98 4.00 -18.63
CA PRO C 198 2.80 3.47 -19.28
C PRO C 198 1.87 2.76 -18.31
N ARG C 199 0.58 2.90 -18.58
CA ARG C 199 -0.50 2.06 -18.10
C ARG C 199 -0.79 2.14 -16.61
N ASN C 200 -0.06 2.95 -15.84
CA ASN C 200 -0.09 2.83 -14.38
C ASN C 200 -0.34 4.15 -13.65
N LYS C 201 -0.87 5.17 -14.33
CA LYS C 201 -1.55 6.34 -13.71
C LYS C 201 -0.77 7.02 -12.59
N TRP C 202 0.56 6.89 -12.61
CA TRP C 202 1.43 7.44 -11.57
C TRP C 202 2.41 8.39 -12.23
N TRP C 203 2.18 9.68 -12.10
CA TRP C 203 3.04 10.68 -12.71
C TRP C 203 4.30 10.92 -11.89
N ASP C 204 5.05 9.86 -11.63
CA ASP C 204 6.29 9.97 -10.91
C ASP C 204 7.41 10.45 -11.83
N GLY C 205 8.41 11.06 -11.23
CA GLY C 205 9.50 11.65 -11.99
C GLY C 205 9.18 13.01 -12.56
N TYR C 206 7.94 13.44 -12.49
CA TYR C 206 7.53 14.77 -12.91
C TYR C 206 7.80 15.73 -11.79
N HIS C 207 8.70 16.67 -12.01
CA HIS C 207 8.67 17.93 -11.26
C HIS C 207 8.85 19.07 -12.24
N GLY C 208 8.18 18.94 -13.38
CA GLY C 208 7.86 20.00 -14.29
C GLY C 208 8.89 20.06 -15.39
N GLU C 209 8.45 20.07 -16.64
CA GLU C 209 8.40 21.28 -17.43
C GLU C 209 7.61 20.90 -18.67
N GLU C 210 7.48 21.82 -19.61
CA GLU C 210 6.38 21.86 -20.57
C GLU C 210 5.94 20.56 -21.26
N VAL C 211 6.82 19.90 -22.00
CA VAL C 211 6.37 18.81 -22.85
C VAL C 211 6.09 17.53 -22.05
N VAL C 212 4.99 16.87 -22.37
CA VAL C 212 4.59 15.55 -21.87
C VAL C 212 4.26 14.68 -23.07
N VAL C 213 4.96 13.57 -23.28
CA VAL C 213 4.61 12.68 -24.40
C VAL C 213 4.08 11.38 -23.83
N ILE C 214 2.75 11.27 -23.75
CA ILE C 214 2.10 10.01 -23.46
C ILE C 214 2.27 9.13 -24.68
N ASP C 215 3.08 8.08 -24.61
CA ASP C 215 3.44 7.39 -25.85
C ASP C 215 2.57 6.16 -26.04
N ASP C 216 2.48 5.72 -27.30
CA ASP C 216 1.89 4.46 -27.72
C ASP C 216 0.47 4.23 -27.17
N PHE C 217 -0.24 5.32 -26.85
CA PHE C 217 -1.60 5.31 -26.31
C PHE C 217 -2.53 4.34 -27.03
N TYR C 218 -3.35 3.62 -26.27
CA TYR C 218 -4.48 2.88 -26.82
C TYR C 218 -5.73 2.98 -25.96
N GLY C 219 -5.75 3.78 -24.90
CA GLY C 219 -6.90 3.94 -24.03
C GLY C 219 -6.63 3.57 -22.60
N TRP C 220 -5.38 3.60 -22.16
CA TRP C 220 -5.00 3.08 -20.86
C TRP C 220 -5.03 4.12 -19.76
N LEU C 221 -5.81 5.19 -19.94
CA LEU C 221 -5.96 6.28 -19.00
C LEU C 221 -7.44 6.45 -18.75
N PRO C 222 -7.89 6.69 -17.50
CA PRO C 222 -9.32 6.94 -17.29
C PRO C 222 -9.81 8.11 -18.11
N TRP C 223 -11.05 7.99 -18.60
CA TRP C 223 -11.58 8.94 -19.57
C TRP C 223 -11.59 10.35 -19.02
N ASP C 224 -12.03 10.52 -17.77
CA ASP C 224 -12.11 11.86 -17.24
C ASP C 224 -10.72 12.47 -17.06
N ASP C 225 -9.70 11.66 -16.75
CA ASP C 225 -8.36 12.20 -16.64
C ASP C 225 -7.84 12.68 -17.99
N LEU C 226 -8.17 11.97 -19.06
CA LEU C 226 -7.75 12.44 -20.38
C LEU C 226 -8.54 13.67 -20.78
N LEU C 227 -9.77 13.80 -20.33
CA LEU C 227 -10.51 15.03 -20.61
C LEU C 227 -9.96 16.20 -19.81
N ARG C 228 -9.43 15.95 -18.62
CA ARG C 228 -9.07 16.99 -17.69
C ARG C 228 -7.60 17.39 -17.74
N LEU C 229 -6.74 16.56 -18.29
CA LEU C 229 -5.36 17.00 -18.51
C LEU C 229 -5.35 18.18 -19.46
N CYS C 230 -6.16 18.11 -20.51
CA CYS C 230 -6.13 19.06 -21.60
C CYS C 230 -6.99 20.31 -21.37
N ASP C 231 -7.68 20.42 -20.23
CA ASP C 231 -8.41 21.64 -19.93
C ASP C 231 -7.42 22.75 -19.57
N ARG C 232 -7.95 23.95 -19.38
CA ARG C 232 -7.13 25.12 -19.15
C ARG C 232 -6.90 25.42 -17.68
N TYR C 233 -7.37 24.59 -16.76
CA TYR C 233 -7.51 24.90 -15.35
C TYR C 233 -6.67 23.96 -14.50
N PRO C 234 -6.31 24.38 -13.27
CA PRO C 234 -5.28 23.66 -12.50
C PRO C 234 -5.59 22.20 -12.27
N LEU C 235 -4.53 21.42 -12.11
CA LEU C 235 -4.67 20.00 -11.89
C LEU C 235 -3.46 19.54 -11.11
N THR C 236 -3.68 18.59 -10.23
CA THR C 236 -2.61 17.93 -9.47
C THR C 236 -2.67 16.45 -9.78
N VAL C 237 -1.53 15.88 -10.13
CA VAL C 237 -1.42 14.46 -10.49
C VAL C 237 -0.75 13.72 -9.34
N GLU C 238 -1.03 12.44 -9.24
CA GLU C 238 -0.46 11.62 -8.19
C GLU C 238 0.99 11.23 -8.52
N THR C 239 1.83 11.24 -7.51
CA THR C 239 3.13 10.59 -7.54
C THR C 239 3.20 9.66 -6.35
N LYS C 240 4.20 8.79 -6.33
CA LYS C 240 4.17 7.60 -5.50
C LYS C 240 4.45 8.04 -4.06
N GLY C 241 3.40 8.48 -3.39
CA GLY C 241 3.50 9.02 -2.05
C GLY C 241 3.53 10.53 -1.97
N GLY C 242 2.70 11.20 -2.75
CA GLY C 242 2.70 12.65 -2.77
C GLY C 242 1.83 13.17 -3.88
N THR C 243 1.97 14.47 -4.15
CA THR C 243 1.18 15.17 -5.15
C THR C 243 2.04 16.21 -5.87
N VAL C 244 1.95 16.23 -7.19
CA VAL C 244 2.75 17.09 -8.04
C VAL C 244 1.79 17.97 -8.84
N PRO C 245 1.97 19.29 -8.91
CA PRO C 245 1.08 20.09 -9.76
C PRO C 245 1.45 19.97 -11.22
N PHE C 246 0.42 19.86 -12.05
CA PHE C 246 0.57 19.67 -13.50
C PHE C 246 0.65 21.02 -14.20
N LEU C 247 1.68 21.21 -15.02
CA LEU C 247 1.99 22.51 -15.62
C LEU C 247 2.36 22.40 -17.10
N ALA C 248 1.98 21.34 -17.78
CA ALA C 248 2.48 21.09 -19.11
C ALA C 248 1.94 22.11 -20.11
N ARG C 249 2.64 22.25 -21.23
CA ARG C 249 2.21 23.07 -22.35
C ARG C 249 2.06 22.31 -23.65
N SER C 250 2.30 21.00 -23.66
CA SER C 250 2.09 20.23 -24.87
C SER C 250 2.00 18.76 -24.50
N ILE C 251 0.89 18.12 -24.86
CA ILE C 251 0.70 16.70 -24.57
C ILE C 251 0.67 15.98 -25.91
N LEU C 252 1.82 15.46 -26.35
CA LEU C 252 1.90 14.71 -27.59
C LEU C 252 1.43 13.30 -27.34
N ILE C 253 0.17 13.02 -27.63
CA ILE C 253 -0.32 11.65 -27.56
C ILE C 253 0.10 10.94 -28.83
N THR C 254 0.69 9.76 -28.69
CA THR C 254 1.15 8.93 -29.79
C THR C 254 0.37 7.63 -29.78
N SER C 255 -0.21 7.28 -30.93
CA SER C 255 -1.11 6.13 -30.98
C SER C 255 -1.02 5.48 -32.35
N ASN C 256 -1.47 4.23 -32.42
CA ASN C 256 -1.66 3.54 -33.69
C ASN C 256 -3.07 3.66 -34.24
N GLN C 257 -4.03 4.04 -33.40
CA GLN C 257 -5.44 4.12 -33.77
C GLN C 257 -5.86 5.58 -33.80
N THR C 258 -6.84 5.88 -34.64
CA THR C 258 -7.45 7.20 -34.61
C THR C 258 -8.11 7.39 -33.25
N PRO C 259 -8.26 8.65 -32.76
CA PRO C 259 -8.93 8.87 -31.47
C PRO C 259 -10.32 8.26 -31.28
N LEU C 260 -10.97 7.84 -32.37
CA LEU C 260 -12.23 7.12 -32.22
C LEU C 260 -12.03 5.82 -31.44
N GLU C 261 -11.05 5.02 -31.83
CA GLU C 261 -10.89 3.69 -31.25
C GLU C 261 -10.20 3.70 -29.88
N TRP C 262 -9.99 4.86 -29.26
CA TRP C 262 -9.46 4.86 -27.90
C TRP C 262 -10.53 4.47 -26.91
N TYR C 263 -11.74 5.01 -27.05
CA TYR C 263 -12.83 4.77 -26.12
C TYR C 263 -14.10 4.47 -26.88
N SER C 264 -14.88 3.53 -26.36
CA SER C 264 -16.15 3.17 -26.97
C SER C 264 -17.17 4.27 -26.75
N SER C 265 -17.93 4.58 -27.80
CA SER C 265 -18.87 5.69 -27.76
C SER C 265 -19.95 5.49 -26.71
N THR C 266 -20.49 4.27 -26.63
CA THR C 266 -21.60 4.00 -25.73
C THR C 266 -21.20 4.20 -24.27
N ALA C 267 -20.00 3.77 -23.90
CA ALA C 267 -19.52 3.80 -22.53
C ALA C 267 -18.88 5.12 -22.14
N VAL C 268 -19.14 6.20 -22.88
CA VAL C 268 -18.52 7.51 -22.71
C VAL C 268 -19.64 8.54 -22.64
N PRO C 269 -19.66 9.48 -21.67
CA PRO C 269 -20.77 10.44 -21.64
C PRO C 269 -20.93 11.28 -22.90
N ALA C 270 -19.84 11.79 -23.46
CA ALA C 270 -19.92 12.58 -24.69
C ALA C 270 -18.56 12.53 -25.36
N VAL C 271 -18.48 11.87 -26.53
CA VAL C 271 -17.21 11.70 -27.21
C VAL C 271 -16.68 13.01 -27.80
N GLU C 272 -17.52 14.03 -27.91
CA GLU C 272 -17.07 15.30 -28.48
C GLU C 272 -16.20 16.08 -27.50
N ALA C 273 -16.23 15.75 -26.21
CA ALA C 273 -15.46 16.52 -25.24
C ALA C 273 -13.96 16.40 -25.48
N LEU C 274 -13.47 15.21 -25.79
CA LEU C 274 -12.04 15.06 -26.02
C LEU C 274 -11.62 15.77 -27.30
N TYR C 275 -12.42 15.65 -28.36
CA TYR C 275 -12.05 16.22 -29.65
C TYR C 275 -11.90 17.73 -29.58
N ARG C 276 -12.69 18.41 -28.76
CA ARG C 276 -12.58 19.86 -28.63
C ARG C 276 -11.20 20.29 -28.15
N ARG C 277 -10.48 19.44 -27.42
CA ARG C 277 -9.22 19.82 -26.81
C ARG C 277 -8.02 19.41 -27.62
N ILE C 278 -8.17 18.58 -28.65
CA ILE C 278 -7.08 18.28 -29.55
C ILE C 278 -6.71 19.53 -30.32
N THR C 279 -5.40 19.80 -30.43
CA THR C 279 -4.93 20.96 -31.17
C THR C 279 -4.61 20.62 -32.62
N SER C 280 -3.76 19.61 -32.83
CA SER C 280 -3.35 19.18 -34.16
C SER C 280 -3.44 17.67 -34.22
N LEU C 281 -3.64 17.15 -35.44
CA LEU C 281 -3.75 15.72 -35.66
C LEU C 281 -2.89 15.37 -36.88
N VAL C 282 -1.77 14.70 -36.64
CA VAL C 282 -0.84 14.29 -37.68
C VAL C 282 -1.07 12.82 -37.98
N PHE C 283 -1.19 12.48 -39.26
CA PHE C 283 -1.57 11.15 -39.71
C PHE C 283 -0.60 10.63 -40.76
N TRP C 284 -0.28 9.34 -40.68
CA TRP C 284 0.61 8.68 -41.63
C TRP C 284 -0.21 8.05 -42.75
N LYS C 285 0.14 8.40 -44.00
CA LYS C 285 -0.59 7.97 -45.18
C LYS C 285 0.36 7.45 -46.25
N ASN C 286 -0.05 6.35 -46.88
CA ASN C 286 0.48 5.87 -48.17
C ASN C 286 1.98 5.57 -48.13
N ALA C 287 2.49 5.23 -46.94
CA ALA C 287 3.86 4.75 -46.75
C ALA C 287 4.93 5.69 -47.32
N THR C 288 4.65 6.99 -47.40
CA THR C 288 5.65 7.99 -47.78
C THR C 288 6.01 8.95 -46.65
N GLU C 289 5.02 9.63 -46.06
CA GLU C 289 5.30 10.63 -45.05
C GLU C 289 4.00 11.03 -44.38
N GLN C 290 4.07 11.33 -43.09
CA GLN C 290 2.87 11.74 -42.35
C GLN C 290 2.48 13.18 -42.65
N SER C 291 1.19 13.35 -42.95
CA SER C 291 0.60 14.60 -43.39
C SER C 291 -0.36 15.13 -42.33
N THR C 292 -0.27 16.42 -42.02
CA THR C 292 -1.16 17.01 -41.05
C THR C 292 -2.58 17.05 -41.59
N GLU C 293 -3.55 16.74 -40.73
CA GLU C 293 -4.96 16.83 -41.08
C GLU C 293 -5.56 18.12 -40.55
N GLU C 294 -6.78 18.41 -41.01
CA GLU C 294 -7.51 19.63 -40.65
C GLU C 294 -8.89 19.34 -40.07
N GLY C 295 -9.18 18.11 -39.66
CA GLY C 295 -10.44 17.81 -39.04
C GLY C 295 -11.62 17.77 -39.99
N GLY C 296 -11.40 17.73 -41.29
CA GLY C 296 -12.50 17.58 -42.22
C GLY C 296 -13.07 16.18 -42.25
N GLN C 297 -12.25 15.20 -42.66
CA GLN C 297 -12.72 13.82 -42.74
C GLN C 297 -13.05 13.27 -41.36
N PHE C 298 -12.22 13.59 -40.38
CA PHE C 298 -12.44 13.17 -39.01
C PHE C 298 -13.65 13.89 -38.44
N VAL C 299 -14.18 13.37 -37.33
CA VAL C 299 -15.26 14.06 -36.65
C VAL C 299 -14.66 15.33 -36.06
N THR C 300 -15.04 16.48 -36.61
CA THR C 300 -14.28 17.70 -36.46
C THR C 300 -14.26 18.19 -35.01
N LEU C 301 -13.31 19.07 -34.73
CA LEU C 301 -13.07 19.62 -33.39
C LEU C 301 -13.41 21.11 -33.32
N LEU D 119 30.15 17.39 1.10
CA LEU D 119 28.83 17.22 0.49
C LEU D 119 28.80 17.82 -0.89
N SER D 120 29.39 19.00 -1.04
CA SER D 120 29.49 19.60 -2.36
C SER D 120 30.31 18.76 -3.33
N THR D 121 31.19 17.91 -2.83
CA THR D 121 31.84 16.92 -3.68
C THR D 121 30.84 15.89 -4.19
N ALA D 122 29.97 15.41 -3.29
CA ALA D 122 28.94 14.46 -3.68
C ALA D 122 27.97 15.11 -4.65
N VAL D 123 27.59 16.35 -4.37
CA VAL D 123 26.73 17.08 -5.28
C VAL D 123 27.44 17.31 -6.60
N SER D 124 28.77 17.49 -6.58
CA SER D 124 29.49 17.62 -7.84
C SER D 124 29.38 16.34 -8.65
N THR D 125 29.71 15.20 -8.05
CA THR D 125 29.66 13.95 -8.79
C THR D 125 28.25 13.53 -9.17
N LEU D 126 27.23 14.09 -8.51
CA LEU D 126 25.85 13.75 -8.86
C LEU D 126 25.30 14.67 -9.93
N LEU D 127 25.31 15.98 -9.68
CA LEU D 127 24.65 16.89 -10.58
C LEU D 127 25.34 16.96 -11.94
N GLU D 128 26.68 16.92 -11.92
CA GLU D 128 27.45 16.97 -13.16
C GLU D 128 27.10 15.80 -14.08
N SER D 129 27.05 14.60 -13.53
CA SER D 129 26.83 13.42 -14.35
C SER D 129 26.46 12.22 -13.50
N GLY D 130 25.41 11.53 -13.88
CA GLY D 130 25.13 10.21 -13.36
C GLY D 130 23.92 10.18 -12.46
N SER D 131 23.80 9.05 -11.78
CA SER D 131 22.74 8.75 -10.83
C SER D 131 23.39 8.41 -9.50
N LEU D 132 22.57 8.00 -8.53
CA LEU D 132 23.04 7.80 -7.16
C LEU D 132 24.10 6.72 -7.05
N VAL D 133 24.16 5.79 -8.00
CA VAL D 133 25.12 4.70 -7.92
C VAL D 133 26.55 5.23 -7.94
N THR D 134 26.83 6.21 -8.79
CA THR D 134 28.17 6.77 -8.86
C THR D 134 28.55 7.46 -7.55
N VAL D 135 27.60 8.17 -6.92
CA VAL D 135 27.89 8.76 -5.62
C VAL D 135 28.14 7.69 -4.59
N ALA D 136 27.34 6.63 -4.61
CA ALA D 136 27.55 5.53 -3.68
C ALA D 136 28.91 4.91 -3.87
N GLU D 137 29.42 4.88 -5.10
CA GLU D 137 30.75 4.33 -5.34
C GLU D 137 31.88 5.33 -5.08
N GLN D 138 31.59 6.62 -4.98
CA GLN D 138 32.63 7.64 -4.82
C GLN D 138 32.83 8.10 -3.38
N HIS D 139 31.77 8.56 -2.71
CA HIS D 139 31.83 9.05 -1.32
C HIS D 139 30.72 8.39 -0.53
N PRO D 140 30.88 7.12 -0.14
CA PRO D 140 29.81 6.46 0.63
C PRO D 140 29.45 7.16 1.93
N VAL D 141 30.44 7.69 2.64
CA VAL D 141 30.14 8.28 3.95
C VAL D 141 29.27 9.52 3.83
N THR D 142 29.21 10.15 2.66
CA THR D 142 28.29 11.25 2.37
C THR D 142 27.01 10.79 1.70
N PHE D 143 26.82 9.48 1.52
CA PHE D 143 25.59 8.91 1.00
C PHE D 143 24.84 8.11 2.04
N VAL D 144 25.51 7.63 3.09
CA VAL D 144 24.75 7.09 4.21
C VAL D 144 23.93 8.19 4.87
N ARG D 145 24.40 9.42 4.83
CA ARG D 145 23.67 10.58 5.25
C ARG D 145 23.29 11.40 4.02
N ASN D 146 22.16 12.10 4.10
CA ASN D 146 21.58 12.86 3.00
C ASN D 146 21.10 12.00 1.83
N PHE D 147 20.72 10.75 2.06
CA PHE D 147 20.38 9.91 0.91
C PHE D 147 19.04 10.28 0.30
N ARG D 148 18.05 10.64 1.12
CA ARG D 148 16.77 11.02 0.54
C ARG D 148 16.85 12.33 -0.21
N GLY D 149 17.81 13.18 0.12
CA GLY D 149 17.84 14.50 -0.42
C GLY D 149 18.66 14.53 -1.68
N LEU D 150 19.67 13.66 -1.76
CA LEU D 150 20.33 13.48 -3.05
C LEU D 150 19.36 12.92 -4.06
N ALA D 151 18.50 11.99 -3.64
CA ALA D 151 17.50 11.47 -4.56
C ALA D 151 16.56 12.55 -5.06
N GLU D 152 16.10 13.43 -4.16
CA GLU D 152 15.21 14.49 -4.65
C GLU D 152 15.94 15.54 -5.47
N LEU D 153 17.19 15.86 -5.12
CA LEU D 153 17.97 16.77 -5.96
C LEU D 153 18.15 16.19 -7.35
N LEU D 154 18.43 14.90 -7.43
CA LEU D 154 18.59 14.27 -8.73
C LEU D 154 17.28 14.33 -9.52
N LYS D 155 16.15 14.03 -8.87
CA LYS D 155 14.90 14.00 -9.63
C LYS D 155 14.43 15.40 -10.03
N VAL D 156 14.82 16.43 -9.28
CA VAL D 156 14.37 17.79 -9.59
C VAL D 156 15.36 18.51 -10.52
N SER D 157 16.64 18.17 -10.47
CA SER D 157 17.61 18.78 -11.37
C SER D 157 17.29 18.48 -12.83
N GLY D 158 16.71 17.32 -13.09
CA GLY D 158 16.33 16.92 -14.43
C GLY D 158 17.35 16.11 -15.18
N LYS D 159 18.60 16.05 -14.69
CA LYS D 159 19.64 15.26 -15.33
C LYS D 159 19.58 13.78 -14.97
N MET D 160 18.49 13.29 -14.37
CA MET D 160 18.34 11.87 -14.13
C MET D 160 18.35 11.14 -15.45
N GLN D 161 19.26 10.16 -15.56
CA GLN D 161 19.63 9.57 -16.85
C GLN D 161 18.43 8.96 -17.55
N LYS D 162 18.06 9.51 -18.69
CA LYS D 162 17.09 8.88 -19.56
C LYS D 162 17.80 7.83 -20.39
N ARG D 163 17.05 7.11 -21.20
CA ARG D 163 17.56 6.15 -22.17
C ARG D 163 17.23 6.65 -23.56
N ASP D 164 18.27 6.90 -24.37
CA ASP D 164 18.12 7.44 -25.73
C ASP D 164 18.79 6.58 -26.79
N TRP D 165 19.07 5.32 -26.49
CA TRP D 165 19.80 4.39 -27.34
C TRP D 165 18.89 3.21 -27.68
N LYS D 166 19.45 2.22 -28.36
CA LYS D 166 18.73 1.01 -28.77
C LYS D 166 19.23 -0.14 -27.92
N THR D 167 18.28 -0.84 -27.30
CA THR D 167 18.58 -1.96 -26.43
C THR D 167 18.53 -3.23 -27.26
N ASN D 168 19.67 -3.88 -27.41
CA ASN D 168 19.70 -5.13 -28.15
C ASN D 168 18.89 -6.18 -27.40
N VAL D 169 18.28 -7.10 -28.14
CA VAL D 169 17.45 -8.16 -27.56
C VAL D 169 17.92 -9.47 -28.14
N HIS D 170 18.63 -10.28 -27.36
CA HIS D 170 19.11 -11.58 -27.79
C HIS D 170 18.20 -12.65 -27.20
N VAL D 171 17.38 -13.27 -28.02
CA VAL D 171 16.54 -14.36 -27.56
C VAL D 171 17.38 -15.63 -27.59
N ILE D 172 17.13 -16.54 -26.65
CA ILE D 172 17.74 -17.87 -26.64
C ILE D 172 16.62 -18.89 -26.53
N VAL D 173 16.62 -19.88 -27.40
CA VAL D 173 15.62 -20.93 -27.42
C VAL D 173 16.31 -22.28 -27.29
N GLY D 174 15.73 -23.17 -26.50
CA GLY D 174 16.26 -24.50 -26.36
C GLY D 174 15.48 -25.33 -25.35
N PRO D 175 15.49 -26.65 -25.50
CA PRO D 175 14.70 -27.48 -24.60
C PRO D 175 15.30 -27.46 -23.21
N PRO D 176 14.49 -27.69 -22.16
CA PRO D 176 14.99 -27.58 -20.78
C PRO D 176 16.16 -28.48 -20.48
N GLY D 177 17.30 -27.87 -20.16
CA GLY D 177 18.52 -28.56 -19.82
C GLY D 177 19.68 -28.32 -20.76
N CYS D 178 19.54 -27.49 -21.79
CA CYS D 178 20.57 -27.32 -22.80
C CYS D 178 21.60 -26.27 -22.42
N GLY D 179 21.72 -25.92 -21.15
CA GLY D 179 22.60 -24.84 -20.77
C GLY D 179 22.11 -23.49 -21.25
N LYS D 180 20.80 -23.27 -21.23
CA LYS D 180 20.25 -21.98 -21.63
C LYS D 180 20.76 -20.88 -20.74
N SER D 181 20.46 -20.96 -19.45
CA SER D 181 20.78 -19.88 -18.52
C SER D 181 22.27 -19.74 -18.28
N LYS D 182 23.06 -20.79 -18.53
CA LYS D 182 24.50 -20.69 -18.40
C LYS D 182 25.05 -19.64 -19.35
N TRP D 183 24.55 -19.64 -20.58
CA TRP D 183 24.93 -18.63 -21.55
C TRP D 183 24.57 -17.23 -21.06
N ALA D 184 23.41 -17.08 -20.43
CA ALA D 184 23.01 -15.77 -19.94
C ALA D 184 23.89 -15.30 -18.81
N ALA D 185 24.17 -16.18 -17.85
CA ALA D 185 25.04 -15.79 -16.75
C ALA D 185 26.47 -15.55 -17.20
N ASN D 186 26.89 -16.09 -18.34
CA ASN D 186 28.21 -15.84 -18.91
C ASN D 186 28.22 -14.79 -20.00
N PHE D 187 27.11 -14.07 -20.21
CA PHE D 187 27.09 -13.00 -21.20
C PHE D 187 27.80 -11.76 -20.71
N ALA D 188 27.82 -11.51 -19.41
CA ALA D 188 28.47 -10.32 -18.89
C ALA D 188 28.80 -10.55 -17.42
N ASP D 189 29.59 -9.64 -16.88
CA ASP D 189 30.05 -9.75 -15.50
C ASP D 189 28.85 -9.74 -14.55
N PRO D 190 28.87 -10.53 -13.47
CA PRO D 190 27.72 -10.50 -12.54
C PRO D 190 27.51 -9.19 -11.82
N GLU D 191 28.44 -8.23 -11.89
CA GLU D 191 28.19 -6.91 -11.33
C GLU D 191 27.13 -6.13 -12.08
N THR D 192 26.87 -6.47 -13.34
CA THR D 192 25.99 -5.70 -14.23
C THR D 192 24.95 -6.59 -14.88
N THR D 193 24.40 -7.56 -14.15
CA THR D 193 23.28 -8.36 -14.62
C THR D 193 22.15 -8.27 -13.62
N TYR D 194 20.97 -7.84 -14.08
CA TYR D 194 19.75 -7.85 -13.29
C TYR D 194 18.88 -8.97 -13.81
N TRP D 195 18.69 -9.99 -13.00
CA TRP D 195 17.84 -11.12 -13.36
C TRP D 195 16.43 -10.80 -12.88
N LYS D 196 15.54 -10.45 -13.82
CA LYS D 196 14.23 -9.98 -13.43
C LYS D 196 13.45 -11.09 -12.72
N PRO D 197 12.79 -10.82 -11.58
CA PRO D 197 11.95 -11.84 -10.98
C PRO D 197 10.78 -12.17 -11.88
N PRO D 198 10.28 -13.40 -11.86
CA PRO D 198 9.27 -13.80 -12.83
C PRO D 198 7.87 -13.38 -12.42
N ARG D 199 6.99 -13.32 -13.42
CA ARG D 199 5.54 -13.19 -13.25
C ARG D 199 5.15 -11.95 -12.45
N ASN D 200 5.97 -10.90 -12.52
CA ASN D 200 5.71 -9.65 -11.83
C ASN D 200 5.91 -8.49 -12.79
N LYS D 201 5.25 -7.40 -12.47
CA LYS D 201 5.50 -6.12 -13.10
C LYS D 201 6.53 -5.29 -12.36
N TRP D 202 7.11 -5.81 -11.29
CA TRP D 202 8.03 -5.07 -10.44
C TRP D 202 9.47 -5.31 -10.86
N TRP D 203 10.26 -4.25 -10.81
CA TRP D 203 11.66 -4.24 -11.21
C TRP D 203 12.55 -3.97 -10.02
N ASP D 204 12.21 -4.53 -8.88
CA ASP D 204 12.76 -4.06 -7.61
C ASP D 204 14.27 -4.31 -7.51
N GLY D 205 14.96 -3.36 -6.90
CA GLY D 205 16.39 -3.45 -6.70
C GLY D 205 17.25 -3.01 -7.87
N TYR D 206 16.68 -2.43 -8.92
CA TYR D 206 17.43 -2.35 -10.17
C TYR D 206 18.54 -1.30 -10.13
N HIS D 207 18.18 -0.03 -9.97
CA HIS D 207 19.14 1.09 -9.81
C HIS D 207 20.19 1.20 -10.94
N GLY D 208 19.92 0.60 -12.09
CA GLY D 208 20.68 0.63 -13.33
C GLY D 208 21.62 -0.54 -13.27
N GLU D 209 21.44 -1.50 -14.16
CA GLU D 209 22.25 -2.71 -14.27
C GLU D 209 22.18 -3.05 -15.75
N GLU D 210 23.23 -2.68 -16.50
CA GLU D 210 23.25 -2.63 -17.96
C GLU D 210 22.52 -3.76 -18.69
N VAL D 211 22.79 -5.01 -18.35
CA VAL D 211 22.29 -6.18 -19.07
C VAL D 211 21.21 -6.84 -18.22
N VAL D 212 20.04 -7.09 -18.81
CA VAL D 212 18.83 -7.52 -18.12
C VAL D 212 18.41 -8.87 -18.69
N VAL D 213 18.39 -9.93 -17.89
CA VAL D 213 18.14 -11.26 -18.44
C VAL D 213 16.79 -11.73 -17.94
N ILE D 214 15.76 -11.53 -18.75
CA ILE D 214 14.43 -12.04 -18.44
C ILE D 214 14.49 -13.55 -18.55
N ASP D 215 14.40 -14.25 -17.44
CA ASP D 215 14.64 -15.69 -17.41
C ASP D 215 13.40 -16.48 -17.82
N ASP D 216 13.59 -17.45 -18.73
CA ASP D 216 12.62 -18.49 -19.09
C ASP D 216 11.21 -17.93 -19.32
N PHE D 217 11.12 -17.08 -20.34
CA PHE D 217 10.00 -16.17 -20.50
C PHE D 217 9.03 -16.80 -21.50
N TYR D 218 7.97 -17.39 -20.96
CA TYR D 218 6.91 -18.06 -21.71
C TYR D 218 5.70 -17.18 -22.02
N GLY D 219 5.76 -15.87 -21.72
CA GLY D 219 4.65 -14.98 -22.01
C GLY D 219 4.03 -14.24 -20.84
N TRP D 220 4.79 -14.04 -19.77
CA TRP D 220 4.23 -13.53 -18.51
C TRP D 220 4.47 -12.04 -18.31
N LEU D 221 4.64 -11.29 -19.40
CA LEU D 221 4.85 -9.85 -19.39
C LEU D 221 3.85 -9.24 -20.36
N PRO D 222 3.21 -8.09 -20.05
CA PRO D 222 2.28 -7.49 -21.01
C PRO D 222 2.94 -7.18 -22.35
N TRP D 223 2.17 -7.39 -23.43
CA TRP D 223 2.71 -7.30 -24.78
C TRP D 223 3.31 -5.94 -25.06
N ASP D 224 2.54 -4.88 -24.83
CA ASP D 224 3.06 -3.55 -25.11
C ASP D 224 4.21 -3.22 -24.16
N ASP D 225 4.19 -3.75 -22.95
CA ASP D 225 5.31 -3.51 -22.04
C ASP D 225 6.56 -4.23 -22.53
N LEU D 226 6.43 -5.45 -23.06
CA LEU D 226 7.58 -6.12 -23.66
C LEU D 226 8.09 -5.34 -24.84
N LEU D 227 7.19 -4.79 -25.66
CA LEU D 227 7.63 -3.91 -26.74
C LEU D 227 8.41 -2.72 -26.19
N ARG D 228 7.91 -2.11 -25.12
CA ARG D 228 8.55 -0.88 -24.65
C ARG D 228 9.88 -1.16 -23.98
N LEU D 229 10.08 -2.34 -23.40
CA LEU D 229 11.41 -2.69 -22.92
C LEU D 229 12.38 -2.78 -24.07
N CYS D 230 11.96 -3.38 -25.18
CA CYS D 230 12.83 -3.59 -26.33
C CYS D 230 12.86 -2.41 -27.28
N ASP D 231 12.16 -1.31 -26.97
CA ASP D 231 12.14 -0.13 -27.82
C ASP D 231 13.40 0.67 -27.52
N ARG D 232 13.47 1.89 -28.07
CA ARG D 232 14.69 2.65 -28.20
C ARG D 232 14.49 4.10 -27.78
N TYR D 233 13.69 4.34 -26.75
CA TYR D 233 13.36 5.67 -26.28
C TYR D 233 13.03 5.58 -24.81
N PRO D 234 13.04 6.71 -24.07
CA PRO D 234 12.98 6.67 -22.60
C PRO D 234 11.84 5.87 -22.01
N LEU D 235 12.08 5.33 -20.82
CA LEU D 235 11.09 4.55 -20.13
C LEU D 235 11.47 4.53 -18.66
N THR D 236 10.46 4.58 -17.79
CA THR D 236 10.64 4.45 -16.35
C THR D 236 9.81 3.26 -15.88
N VAL D 237 10.50 2.20 -15.49
CA VAL D 237 9.86 1.00 -14.95
C VAL D 237 9.51 1.21 -13.49
N GLU D 238 8.67 0.33 -12.96
CA GLU D 238 8.06 0.47 -11.65
C GLU D 238 8.73 -0.48 -10.65
N THR D 239 8.84 -0.02 -9.41
CA THR D 239 9.37 -0.80 -8.32
C THR D 239 8.45 -0.66 -7.13
N LYS D 240 8.66 -1.48 -6.10
CA LYS D 240 7.70 -1.57 -5.00
C LYS D 240 7.83 -0.30 -4.18
N GLY D 241 6.91 0.63 -4.40
CA GLY D 241 6.91 1.90 -3.70
C GLY D 241 7.72 2.99 -4.35
N GLY D 242 7.93 2.92 -5.67
CA GLY D 242 8.68 3.97 -6.34
C GLY D 242 8.80 3.64 -7.81
N THR D 243 9.72 4.34 -8.48
CA THR D 243 9.96 4.13 -9.90
C THR D 243 11.42 4.38 -10.20
N VAL D 244 11.95 3.63 -11.16
CA VAL D 244 13.39 3.54 -11.43
C VAL D 244 13.59 3.70 -12.94
N PRO D 245 14.49 4.57 -13.42
CA PRO D 245 14.58 4.78 -14.88
C PRO D 245 15.28 3.62 -15.56
N PHE D 246 14.64 3.06 -16.57
CA PHE D 246 15.23 1.94 -17.30
C PHE D 246 16.39 2.43 -18.14
N LEU D 247 17.53 1.75 -18.05
CA LEU D 247 18.74 2.12 -18.78
C LEU D 247 19.45 0.91 -19.38
N ALA D 248 18.74 -0.17 -19.68
CA ALA D 248 19.41 -1.38 -20.11
C ALA D 248 20.05 -1.19 -21.47
N ARG D 249 20.91 -2.14 -21.84
CA ARG D 249 21.55 -2.16 -23.15
C ARG D 249 21.51 -3.51 -23.84
N SER D 250 21.19 -4.60 -23.16
CA SER D 250 21.07 -5.89 -23.82
C SER D 250 20.10 -6.74 -23.01
N ILE D 251 18.87 -6.87 -23.49
CA ILE D 251 17.89 -7.72 -22.83
C ILE D 251 18.09 -9.12 -23.39
N LEU D 252 18.50 -10.07 -22.55
CA LEU D 252 18.60 -11.47 -22.97
C LEU D 252 17.32 -12.16 -22.56
N ILE D 253 16.49 -12.50 -23.52
CA ILE D 253 15.21 -13.16 -23.25
C ILE D 253 15.48 -14.65 -23.40
N THR D 254 15.85 -15.31 -22.31
CA THR D 254 15.97 -16.76 -22.32
C THR D 254 14.59 -17.38 -22.28
N SER D 255 14.34 -18.34 -23.17
CA SER D 255 13.00 -18.93 -23.27
C SER D 255 13.12 -20.40 -23.62
N ASN D 256 11.97 -21.02 -23.88
CA ASN D 256 11.84 -22.43 -24.26
C ASN D 256 11.31 -22.64 -25.66
N GLN D 257 10.33 -21.86 -26.08
CA GLN D 257 9.74 -21.95 -27.41
C GLN D 257 10.25 -20.82 -28.29
N THR D 258 9.94 -20.92 -29.57
CA THR D 258 10.24 -19.83 -30.47
C THR D 258 9.37 -18.64 -30.09
N PRO D 259 9.77 -17.40 -30.42
CA PRO D 259 8.89 -16.24 -30.20
C PRO D 259 7.48 -16.36 -30.78
N LEU D 260 7.28 -17.23 -31.77
CA LEU D 260 5.96 -17.45 -32.35
C LEU D 260 5.00 -18.18 -31.42
N GLU D 261 5.47 -18.68 -30.27
CA GLU D 261 4.63 -19.36 -29.28
C GLU D 261 4.56 -18.64 -27.94
N TRP D 262 5.24 -17.49 -27.78
CA TRP D 262 5.06 -16.71 -26.57
C TRP D 262 3.63 -16.20 -26.47
N TYR D 263 3.16 -15.56 -27.54
CA TYR D 263 1.87 -14.89 -27.59
C TYR D 263 1.04 -15.43 -28.74
N SER D 264 -0.25 -15.11 -28.70
CA SER D 264 -1.23 -15.52 -29.69
C SER D 264 -1.58 -14.33 -30.56
N SER D 265 -1.76 -14.57 -31.87
CA SER D 265 -2.13 -13.50 -32.79
C SER D 265 -3.51 -12.93 -32.51
N THR D 266 -4.36 -13.62 -31.75
CA THR D 266 -5.69 -13.12 -31.49
C THR D 266 -5.65 -11.90 -30.57
N ALA D 267 -4.88 -11.96 -29.50
CA ALA D 267 -4.86 -10.94 -28.46
C ALA D 267 -3.77 -9.88 -28.69
N VAL D 268 -3.22 -9.80 -29.91
CA VAL D 268 -2.07 -8.97 -30.21
C VAL D 268 -2.45 -8.10 -31.41
N PRO D 269 -2.10 -6.79 -31.48
CA PRO D 269 -2.32 -6.06 -32.74
C PRO D 269 -1.62 -6.68 -33.93
N ALA D 270 -0.30 -6.86 -33.85
CA ALA D 270 0.47 -7.41 -34.97
C ALA D 270 1.77 -7.96 -34.42
N VAL D 271 1.98 -9.27 -34.56
CA VAL D 271 3.14 -9.90 -33.97
C VAL D 271 4.46 -9.46 -34.60
N GLU D 272 4.43 -8.85 -35.79
CA GLU D 272 5.67 -8.32 -36.34
C GLU D 272 6.26 -7.22 -35.48
N ALA D 273 5.41 -6.50 -34.73
CA ALA D 273 5.87 -5.36 -33.96
C ALA D 273 6.87 -5.71 -32.87
N LEU D 274 6.97 -6.98 -32.48
CA LEU D 274 8.00 -7.47 -31.57
C LEU D 274 9.20 -8.03 -32.32
N TYR D 275 8.96 -8.81 -33.38
CA TYR D 275 10.07 -9.42 -34.12
C TYR D 275 10.98 -8.37 -34.75
N ARG D 276 10.47 -7.15 -34.98
CA ARG D 276 11.30 -6.08 -35.52
C ARG D 276 12.47 -5.72 -34.62
N ARG D 277 12.42 -6.08 -33.33
CA ARG D 277 13.39 -5.64 -32.34
C ARG D 277 14.34 -6.74 -31.88
N ILE D 278 14.10 -8.00 -32.23
CA ILE D 278 14.99 -9.06 -31.76
C ILE D 278 16.30 -8.94 -32.51
N THR D 279 17.35 -8.46 -31.85
CA THR D 279 18.60 -8.19 -32.56
C THR D 279 19.23 -9.46 -33.08
N SER D 280 19.55 -10.39 -32.19
CA SER D 280 20.06 -11.71 -32.54
C SER D 280 19.12 -12.76 -31.97
N LEU D 281 19.33 -14.00 -32.41
CA LEU D 281 18.46 -15.09 -31.99
C LEU D 281 19.26 -16.39 -32.06
N VAL D 282 19.69 -16.89 -30.91
CA VAL D 282 20.38 -18.16 -30.83
C VAL D 282 19.34 -19.25 -30.64
N PHE D 283 19.57 -20.39 -31.28
CA PHE D 283 18.66 -21.52 -31.27
C PHE D 283 19.44 -22.77 -30.89
N TRP D 284 18.72 -23.76 -30.39
CA TRP D 284 19.25 -25.09 -30.12
C TRP D 284 18.59 -26.05 -31.09
N LYS D 285 19.42 -26.77 -31.84
CA LYS D 285 19.02 -27.83 -32.74
C LYS D 285 19.74 -29.10 -32.30
N ASN D 286 19.60 -30.19 -33.07
CA ASN D 286 20.08 -31.51 -32.64
C ASN D 286 21.61 -31.57 -32.81
N ALA D 287 22.28 -30.79 -31.98
CA ALA D 287 23.72 -30.64 -31.99
C ALA D 287 24.11 -29.93 -30.72
N THR D 288 25.22 -30.39 -30.10
CA THR D 288 25.65 -29.87 -28.82
C THR D 288 25.97 -28.38 -28.84
N GLU D 289 26.24 -27.81 -30.01
CA GLU D 289 26.48 -26.38 -30.13
C GLU D 289 25.16 -25.62 -30.16
N GLN D 290 25.25 -24.32 -29.87
CA GLN D 290 24.17 -23.37 -30.06
C GLN D 290 24.51 -22.51 -31.27
N SER D 291 23.66 -22.54 -32.29
CA SER D 291 23.91 -21.91 -33.58
C SER D 291 23.01 -20.69 -33.74
N THR D 292 23.62 -19.53 -34.01
CA THR D 292 22.88 -18.31 -34.29
C THR D 292 21.99 -18.51 -35.52
N GLU D 293 21.01 -17.62 -35.67
CA GLU D 293 20.05 -17.67 -36.77
C GLU D 293 20.31 -16.55 -37.76
N GLU D 294 20.65 -16.91 -38.99
CA GLU D 294 20.99 -15.96 -40.05
C GLU D 294 19.70 -15.50 -40.71
N GLY D 295 19.23 -14.33 -40.31
CA GLY D 295 17.97 -13.86 -40.80
C GLY D 295 16.87 -14.70 -40.20
N GLY D 296 15.74 -14.75 -40.91
CA GLY D 296 14.61 -15.57 -40.50
C GLY D 296 14.13 -16.54 -41.55
N GLN D 297 14.25 -17.83 -41.23
CA GLN D 297 13.44 -18.83 -41.90
C GLN D 297 11.96 -18.58 -41.60
N PHE D 298 11.65 -18.27 -40.35
CA PHE D 298 10.36 -17.72 -39.97
C PHE D 298 10.44 -16.21 -40.17
N VAL D 299 9.42 -15.48 -39.69
CA VAL D 299 9.27 -14.03 -39.94
C VAL D 299 10.55 -13.27 -39.59
N THR D 300 10.91 -12.31 -40.45
CA THR D 300 12.23 -11.70 -40.40
C THR D 300 12.35 -10.63 -39.32
N LEU D 301 13.54 -10.56 -38.73
CA LEU D 301 13.83 -9.74 -37.55
C LEU D 301 14.84 -8.64 -37.86
N LEU E 119 31.06 7.04 11.37
CA LEU E 119 30.62 5.74 10.89
C LEU E 119 31.49 5.22 9.76
N SER E 120 32.71 5.73 9.65
CA SER E 120 33.60 5.34 8.55
C SER E 120 33.87 3.85 8.54
N THR E 121 34.12 3.27 9.72
CA THR E 121 34.34 1.83 9.80
C THR E 121 33.09 1.07 9.36
N ALA E 122 31.91 1.59 9.71
CA ALA E 122 30.67 0.88 9.43
C ALA E 122 30.45 0.72 7.93
N VAL E 123 30.74 1.75 7.15
CA VAL E 123 30.57 1.66 5.71
C VAL E 123 31.53 0.64 5.11
N SER E 124 32.80 0.70 5.51
CA SER E 124 33.79 -0.23 4.95
C SER E 124 33.48 -1.66 5.34
N THR E 125 32.88 -1.88 6.51
CA THR E 125 32.46 -3.21 6.90
C THR E 125 31.19 -3.64 6.18
N LEU E 126 30.31 -2.69 5.85
CA LEU E 126 29.07 -3.06 5.18
C LEU E 126 29.32 -3.40 3.72
N LEU E 127 30.20 -2.66 3.05
CA LEU E 127 30.43 -2.92 1.64
C LEU E 127 31.14 -4.25 1.37
N GLU E 128 31.72 -4.88 2.40
CA GLU E 128 32.42 -6.14 2.24
C GLU E 128 31.56 -7.34 2.62
N SER E 129 31.01 -7.35 3.83
CA SER E 129 30.19 -8.47 4.25
C SER E 129 28.81 -8.46 3.62
N GLY E 130 28.25 -7.28 3.37
CA GLY E 130 26.97 -7.18 2.70
C GLY E 130 25.80 -7.72 3.48
N SER E 131 25.78 -7.51 4.79
CA SER E 131 24.64 -7.92 5.61
C SER E 131 24.52 -6.95 6.77
N LEU E 132 23.35 -6.30 6.88
CA LEU E 132 23.15 -5.29 7.93
C LEU E 132 23.28 -5.89 9.32
N VAL E 133 22.93 -7.17 9.47
CA VAL E 133 23.00 -7.81 10.78
C VAL E 133 24.44 -7.84 11.26
N THR E 134 25.38 -8.14 10.36
CA THR E 134 26.79 -8.11 10.69
C THR E 134 27.23 -6.71 11.11
N VAL E 135 26.75 -5.68 10.42
CA VAL E 135 27.11 -4.31 10.79
C VAL E 135 26.60 -3.98 12.18
N ALA E 136 25.37 -4.39 12.49
CA ALA E 136 24.80 -4.13 13.80
C ALA E 136 25.60 -4.85 14.88
N GLU E 137 25.94 -6.12 14.64
CA GLU E 137 26.63 -6.89 15.66
C GLU E 137 28.05 -6.40 15.86
N GLN E 138 28.76 -6.11 14.78
CA GLN E 138 30.12 -5.58 14.90
C GLN E 138 30.15 -4.12 15.29
N HIS E 139 29.04 -3.39 15.19
CA HIS E 139 28.99 -1.97 15.55
C HIS E 139 27.57 -1.66 16.01
N PRO E 140 27.29 -1.73 17.32
CA PRO E 140 25.93 -1.38 17.74
C PRO E 140 25.64 0.10 17.65
N VAL E 141 26.59 0.94 18.06
CA VAL E 141 26.25 2.33 18.33
C VAL E 141 25.96 3.08 17.04
N THR E 142 26.82 2.92 16.05
CA THR E 142 26.67 3.67 14.80
C THR E 142 25.62 3.08 13.87
N PHE E 143 24.95 2.00 14.28
CA PHE E 143 23.80 1.47 13.57
C PHE E 143 22.49 1.92 14.18
N VAL E 144 22.49 2.33 15.46
CA VAL E 144 21.31 2.92 16.06
C VAL E 144 20.96 4.21 15.33
N ARG E 145 21.96 5.02 15.04
CA ARG E 145 21.83 6.12 14.11
C ARG E 145 22.22 5.65 12.72
N ASN E 146 21.63 6.27 11.71
CA ASN E 146 21.91 5.93 10.32
C ASN E 146 21.55 4.48 9.98
N PHE E 147 20.45 3.98 10.55
CA PHE E 147 20.02 2.64 10.17
C PHE E 147 19.34 2.62 8.80
N ARG E 148 18.63 3.69 8.45
CA ARG E 148 17.99 3.72 7.14
C ARG E 148 19.03 3.94 6.05
N GLY E 149 19.98 4.83 6.32
CA GLY E 149 21.00 5.14 5.32
C GLY E 149 21.84 3.96 4.94
N LEU E 150 22.18 3.11 5.91
CA LEU E 150 22.93 1.91 5.59
C LEU E 150 22.12 0.99 4.69
N ALA E 151 20.82 0.89 4.92
CA ALA E 151 19.97 0.09 4.04
C ALA E 151 20.00 0.64 2.62
N GLU E 152 19.89 1.95 2.46
CA GLU E 152 19.89 2.50 1.10
C GLU E 152 21.26 2.36 0.45
N LEU E 153 22.34 2.52 1.23
CA LEU E 153 23.67 2.34 0.68
C LEU E 153 23.87 0.92 0.18
N LEU E 154 23.45 -0.06 0.97
CA LEU E 154 23.54 -1.45 0.54
C LEU E 154 22.71 -1.66 -0.72
N LYS E 155 21.48 -1.17 -0.74
CA LYS E 155 20.58 -1.43 -1.83
C LYS E 155 21.04 -0.79 -3.13
N VAL E 156 21.76 0.33 -3.06
CA VAL E 156 22.16 1.07 -4.25
C VAL E 156 23.55 0.69 -4.73
N SER E 157 24.51 0.49 -3.81
CA SER E 157 25.88 0.24 -4.22
C SER E 157 26.08 -1.06 -4.96
N GLY E 158 25.10 -1.96 -4.96
CA GLY E 158 25.33 -3.32 -5.36
C GLY E 158 25.90 -4.08 -4.17
N LYS E 159 26.72 -5.08 -4.47
CA LYS E 159 27.35 -5.93 -3.47
C LYS E 159 26.35 -6.70 -2.61
N MET E 160 25.07 -6.75 -2.98
CA MET E 160 24.11 -7.53 -2.23
C MET E 160 24.35 -9.01 -2.50
N GLN E 161 24.27 -9.82 -1.46
CA GLN E 161 24.61 -11.23 -1.60
C GLN E 161 23.57 -11.92 -2.46
N LYS E 162 23.96 -12.29 -3.67
CA LYS E 162 23.10 -12.95 -4.64
C LYS E 162 23.51 -14.40 -4.81
N ARG E 163 22.55 -15.25 -5.17
CA ARG E 163 22.81 -16.68 -5.30
C ARG E 163 23.64 -16.96 -6.54
N ASP E 164 24.77 -17.66 -6.35
CA ASP E 164 25.64 -18.09 -7.44
C ASP E 164 26.09 -19.55 -7.28
N TRP E 165 25.34 -20.36 -6.55
CA TRP E 165 25.67 -21.73 -6.21
C TRP E 165 24.47 -22.57 -6.63
N LYS E 166 24.43 -23.85 -6.29
CA LYS E 166 23.29 -24.72 -6.57
C LYS E 166 22.57 -25.01 -5.27
N THR E 167 21.25 -24.92 -5.29
CA THR E 167 20.43 -25.29 -4.16
C THR E 167 20.20 -26.79 -4.17
N ASN E 168 20.34 -27.42 -3.00
CA ASN E 168 20.30 -28.88 -2.88
C ASN E 168 18.93 -29.32 -2.37
N VAL E 169 18.06 -29.70 -3.29
CA VAL E 169 16.70 -30.13 -2.94
C VAL E 169 16.77 -31.50 -2.27
N HIS E 170 16.10 -31.65 -1.14
CA HIS E 170 15.98 -32.92 -0.43
C HIS E 170 14.51 -33.26 -0.22
N VAL E 171 13.89 -33.94 -1.18
CA VAL E 171 12.49 -34.30 -1.05
C VAL E 171 12.34 -35.36 0.02
N ILE E 172 11.46 -35.11 0.99
CA ILE E 172 11.07 -36.08 2.01
C ILE E 172 9.60 -36.40 1.83
N VAL E 173 9.30 -37.68 1.70
CA VAL E 173 7.96 -38.13 1.32
C VAL E 173 7.59 -39.33 2.15
N GLY E 174 6.33 -39.37 2.60
CA GLY E 174 5.74 -40.54 3.19
C GLY E 174 4.32 -40.26 3.66
N PRO E 175 3.57 -41.27 4.09
CA PRO E 175 2.23 -41.03 4.60
C PRO E 175 2.27 -40.28 5.91
N PRO E 176 1.17 -39.61 6.30
CA PRO E 176 1.21 -38.72 7.47
C PRO E 176 1.54 -39.44 8.77
N GLY E 177 2.01 -38.66 9.74
CA GLY E 177 2.30 -39.18 11.05
C GLY E 177 3.61 -39.91 11.20
N CYS E 178 4.41 -40.00 10.14
CA CYS E 178 5.66 -40.72 10.15
C CYS E 178 6.85 -39.82 10.43
N GLY E 179 6.64 -38.66 11.04
CA GLY E 179 7.73 -37.76 11.28
C GLY E 179 8.31 -37.16 10.03
N LYS E 180 7.45 -36.72 9.11
CA LYS E 180 7.95 -35.96 7.97
C LYS E 180 8.58 -34.68 8.44
N SER E 181 7.90 -33.96 9.33
CA SER E 181 8.40 -32.69 9.83
C SER E 181 9.52 -32.88 10.83
N LYS E 182 9.56 -34.02 11.52
CA LYS E 182 10.61 -34.29 12.50
C LYS E 182 11.98 -34.24 11.84
N TRP E 183 12.13 -34.94 10.71
CA TRP E 183 13.39 -34.85 10.01
C TRP E 183 13.56 -33.51 9.31
N ALA E 184 12.47 -32.77 9.06
CA ALA E 184 12.61 -31.45 8.47
C ALA E 184 13.30 -30.50 9.43
N ALA E 185 12.80 -30.42 10.66
CA ALA E 185 13.46 -29.58 11.66
C ALA E 185 14.72 -30.21 12.23
N ASN E 186 14.96 -31.50 11.99
CA ASN E 186 16.20 -32.11 12.46
C ASN E 186 17.40 -31.52 11.75
N PHE E 187 17.24 -31.18 10.46
CA PHE E 187 18.33 -30.62 9.65
C PHE E 187 18.84 -29.35 10.29
N ALA E 188 20.08 -29.36 10.75
CA ALA E 188 20.59 -28.29 11.59
C ALA E 188 20.60 -26.96 10.85
N ASP E 189 20.31 -25.83 11.52
CA ASP E 189 20.01 -25.66 12.95
C ASP E 189 18.50 -25.55 13.12
N PRO E 190 17.99 -25.68 14.34
CA PRO E 190 16.61 -25.23 14.59
C PRO E 190 16.40 -23.72 14.37
N GLU E 191 17.47 -22.92 14.34
CA GLU E 191 17.38 -21.48 14.21
C GLU E 191 17.36 -21.03 12.74
N THR E 192 18.34 -21.46 11.95
CA THR E 192 18.54 -20.98 10.59
C THR E 192 17.79 -21.84 9.58
N THR E 193 16.46 -21.84 9.70
CA THR E 193 15.60 -22.65 8.85
C THR E 193 14.33 -21.83 8.62
N TYR E 194 14.23 -21.15 7.48
CA TYR E 194 12.98 -20.50 7.14
C TYR E 194 11.94 -21.56 6.85
N TRP E 195 10.74 -21.39 7.39
CA TRP E 195 9.61 -22.28 7.13
C TRP E 195 8.65 -21.55 6.22
N LYS E 196 8.51 -22.03 5.00
CA LYS E 196 7.72 -21.34 3.99
C LYS E 196 6.25 -21.30 4.41
N PRO E 197 5.60 -20.13 4.41
CA PRO E 197 4.16 -20.10 4.74
C PRO E 197 3.35 -20.96 3.79
N PRO E 198 2.30 -21.65 4.26
CA PRO E 198 1.61 -22.58 3.38
C PRO E 198 0.74 -21.86 2.36
N ARG E 199 0.54 -22.52 1.22
CA ARG E 199 -0.45 -22.16 0.19
C ARG E 199 -0.29 -20.75 -0.35
N ASN E 200 0.85 -20.12 -0.15
CA ASN E 200 1.03 -18.68 -0.32
C ASN E 200 2.13 -18.39 -1.32
N LYS E 201 2.24 -17.11 -1.67
CA LYS E 201 3.22 -16.61 -2.62
C LYS E 201 4.33 -15.84 -1.95
N TRP E 202 4.08 -15.23 -0.81
CA TRP E 202 5.01 -14.27 -0.21
C TRP E 202 5.98 -14.95 0.73
N TRP E 203 7.26 -14.75 0.48
CA TRP E 203 8.34 -15.24 1.33
C TRP E 203 8.61 -14.26 2.46
N ASP E 204 7.59 -13.92 3.24
CA ASP E 204 7.74 -12.77 4.13
C ASP E 204 8.71 -13.06 5.25
N GLY E 205 9.49 -12.05 5.61
CA GLY E 205 10.31 -12.08 6.79
C GLY E 205 11.54 -12.93 6.66
N TYR E 206 11.90 -13.34 5.45
CA TYR E 206 12.92 -14.36 5.28
C TYR E 206 14.29 -13.90 5.78
N HIS E 207 14.71 -12.70 5.38
CA HIS E 207 15.82 -11.94 5.97
C HIS E 207 17.22 -12.52 5.77
N GLY E 208 17.34 -13.68 5.16
CA GLY E 208 18.52 -14.36 4.68
C GLY E 208 18.60 -15.56 5.59
N GLU E 209 18.27 -16.75 5.12
CA GLU E 209 18.61 -18.02 5.75
C GLU E 209 19.44 -18.83 4.78
N GLU E 210 19.82 -20.04 5.22
CA GLU E 210 20.47 -21.01 4.35
C GLU E 210 19.63 -22.26 4.08
N VAL E 211 18.70 -22.61 4.97
CA VAL E 211 17.81 -23.76 4.82
C VAL E 211 16.37 -23.26 4.72
N VAL E 212 15.66 -23.75 3.71
CA VAL E 212 14.25 -23.43 3.46
C VAL E 212 13.49 -24.73 3.49
N VAL E 213 12.55 -24.90 4.40
CA VAL E 213 11.79 -26.15 4.49
C VAL E 213 10.35 -25.85 4.08
N ILE E 214 10.04 -26.09 2.82
CA ILE E 214 8.66 -26.09 2.35
C ILE E 214 7.99 -27.32 2.95
N ASP E 215 7.07 -27.12 3.88
CA ASP E 215 6.42 -28.24 4.55
C ASP E 215 5.10 -28.61 3.91
N ASP E 216 4.80 -29.91 3.92
CA ASP E 216 3.51 -30.50 3.57
C ASP E 216 3.02 -30.00 2.20
N PHE E 217 3.88 -30.21 1.21
CA PHE E 217 3.63 -29.77 -0.15
C PHE E 217 2.63 -30.70 -0.83
N TYR E 218 1.86 -30.15 -1.79
CA TYR E 218 0.87 -30.59 -2.79
C TYR E 218 1.06 -30.01 -4.19
N GLY E 219 1.88 -28.97 -4.39
CA GLY E 219 2.03 -28.33 -5.68
C GLY E 219 1.58 -26.88 -5.69
N TRP E 220 1.48 -26.26 -4.51
CA TRP E 220 0.82 -24.96 -4.43
C TRP E 220 1.68 -23.88 -5.04
N LEU E 221 2.99 -23.97 -4.92
CA LEU E 221 3.85 -23.06 -5.64
C LEU E 221 3.70 -23.31 -7.14
N PRO E 222 3.62 -22.28 -7.98
CA PRO E 222 3.53 -22.52 -9.43
C PRO E 222 4.74 -23.30 -9.92
N TRP E 223 4.49 -24.19 -10.89
CA TRP E 223 5.49 -25.13 -11.37
C TRP E 223 6.75 -24.43 -11.83
N ASP E 224 6.60 -23.27 -12.48
CA ASP E 224 7.77 -22.56 -12.93
C ASP E 224 8.54 -21.96 -11.77
N ASP E 225 7.83 -21.47 -10.74
CA ASP E 225 8.53 -20.93 -9.58
C ASP E 225 9.30 -22.01 -8.85
N LEU E 226 8.79 -23.22 -8.80
CA LEU E 226 9.53 -24.32 -8.18
C LEU E 226 10.67 -24.78 -9.06
N LEU E 227 10.50 -24.76 -10.39
CA LEU E 227 11.63 -25.03 -11.26
C LEU E 227 12.72 -23.98 -11.10
N ARG E 228 12.37 -22.77 -10.70
CA ARG E 228 13.35 -21.70 -10.57
C ARG E 228 13.95 -21.59 -9.19
N LEU E 229 13.27 -22.06 -8.14
CA LEU E 229 13.90 -22.03 -6.83
C LEU E 229 15.10 -22.97 -6.75
N CYS E 230 15.12 -24.01 -7.58
CA CYS E 230 16.13 -25.06 -7.52
C CYS E 230 17.15 -24.95 -8.65
N ASP E 231 17.28 -23.79 -9.29
CA ASP E 231 18.29 -23.54 -10.31
C ASP E 231 19.52 -22.97 -9.63
N ARG E 232 20.49 -22.49 -10.41
CA ARG E 232 21.84 -22.19 -9.95
C ARG E 232 22.19 -20.71 -10.14
N TYR E 233 21.18 -19.84 -10.17
CA TYR E 233 21.32 -18.47 -10.63
C TYR E 233 20.52 -17.57 -9.71
N PRO E 234 20.83 -16.26 -9.65
CA PRO E 234 20.15 -15.39 -8.70
C PRO E 234 18.65 -15.31 -8.92
N LEU E 235 17.95 -14.99 -7.86
CA LEU E 235 16.51 -14.91 -7.85
C LEU E 235 16.13 -13.89 -6.80
N THR E 236 14.92 -13.35 -6.92
CA THR E 236 14.40 -12.36 -5.97
C THR E 236 12.97 -12.74 -5.63
N VAL E 237 12.75 -13.18 -4.39
CA VAL E 237 11.44 -13.60 -3.95
C VAL E 237 10.64 -12.40 -3.48
N GLU E 238 9.33 -12.58 -3.37
CA GLU E 238 8.40 -11.51 -3.05
C GLU E 238 8.09 -11.52 -1.57
N THR E 239 8.02 -10.34 -0.97
CA THR E 239 7.59 -10.16 0.41
C THR E 239 6.59 -9.00 0.46
N LYS E 240 5.71 -9.02 1.44
CA LYS E 240 4.53 -8.15 1.39
C LYS E 240 5.00 -6.75 1.73
N GLY E 241 5.48 -6.06 0.69
CA GLY E 241 6.04 -4.73 0.81
C GLY E 241 7.39 -4.58 0.13
N GLY E 242 7.81 -5.57 -0.64
CA GLY E 242 9.11 -5.51 -1.29
C GLY E 242 9.53 -6.87 -1.80
N THR E 243 10.84 -7.02 -2.00
CA THR E 243 11.43 -8.28 -2.40
C THR E 243 12.72 -8.46 -1.63
N VAL E 244 13.06 -9.71 -1.36
CA VAL E 244 14.23 -10.07 -0.56
C VAL E 244 15.04 -11.07 -1.39
N PRO E 245 16.37 -10.93 -1.54
CA PRO E 245 17.11 -11.91 -2.33
C PRO E 245 17.01 -13.28 -1.72
N PHE E 246 16.93 -14.29 -2.58
CA PHE E 246 16.78 -15.68 -2.17
C PHE E 246 18.13 -16.35 -2.32
N LEU E 247 18.76 -16.66 -1.19
CA LEU E 247 20.07 -17.31 -1.16
C LEU E 247 19.96 -18.48 -0.21
N ALA E 248 19.61 -19.64 -0.75
CA ALA E 248 19.39 -20.85 0.02
C ALA E 248 20.26 -21.95 -0.56
N ARG E 249 20.69 -22.86 0.31
CA ARG E 249 21.55 -23.97 -0.06
C ARG E 249 20.87 -25.33 -0.01
N SER E 250 19.66 -25.43 0.52
CA SER E 250 18.94 -26.69 0.47
C SER E 250 17.47 -26.44 0.75
N ILE E 251 16.61 -26.96 -0.11
CA ILE E 251 15.17 -26.73 -0.01
C ILE E 251 14.54 -28.08 0.34
N LEU E 252 14.31 -28.33 1.62
CA LEU E 252 13.74 -29.59 2.09
C LEU E 252 12.25 -29.64 1.78
N ILE E 253 11.87 -30.24 0.66
CA ILE E 253 10.46 -30.26 0.24
C ILE E 253 9.85 -31.49 0.90
N THR E 254 9.37 -31.32 2.13
CA THR E 254 8.56 -32.35 2.76
C THR E 254 7.26 -32.50 1.99
N SER E 255 6.78 -33.74 1.85
CA SER E 255 5.58 -33.98 1.09
C SER E 255 4.87 -35.20 1.64
N ASN E 256 3.86 -35.68 0.90
CA ASN E 256 3.17 -36.92 1.20
C ASN E 256 3.16 -37.86 0.02
N GLN E 257 3.17 -37.32 -1.20
CA GLN E 257 3.29 -38.11 -2.42
C GLN E 257 4.72 -38.04 -2.93
N THR E 258 5.01 -38.90 -3.89
CA THR E 258 6.28 -38.82 -4.59
C THR E 258 6.28 -37.57 -5.45
N PRO E 259 7.45 -37.10 -5.89
CA PRO E 259 7.48 -35.98 -6.86
C PRO E 259 6.77 -36.25 -8.20
N LEU E 260 6.30 -37.48 -8.46
CA LEU E 260 5.65 -37.77 -9.72
C LEU E 260 4.26 -37.15 -9.78
N GLU E 261 3.52 -37.18 -8.67
CA GLU E 261 2.11 -36.78 -8.63
C GLU E 261 1.89 -35.44 -7.94
N TRP E 262 2.92 -34.62 -7.78
CA TRP E 262 2.72 -33.27 -7.27
C TRP E 262 1.86 -32.45 -8.21
N TYR E 263 2.10 -32.57 -9.51
CA TYR E 263 1.31 -31.91 -10.52
C TYR E 263 0.74 -32.96 -11.47
N SER E 264 -0.36 -32.60 -12.13
CA SER E 264 -0.99 -33.50 -13.08
C SER E 264 -0.02 -33.81 -14.21
N SER E 265 -0.19 -35.01 -14.80
CA SER E 265 0.75 -35.46 -15.83
C SER E 265 0.69 -34.55 -17.06
N THR E 266 -0.50 -34.14 -17.47
CA THR E 266 -0.65 -33.30 -18.65
C THR E 266 -0.49 -31.81 -18.37
N ALA E 267 -0.85 -31.34 -17.17
CA ALA E 267 -0.82 -29.91 -16.89
C ALA E 267 0.60 -29.35 -16.94
N VAL E 268 1.60 -30.16 -16.63
CA VAL E 268 2.99 -29.73 -16.70
C VAL E 268 3.43 -29.72 -18.16
N PRO E 269 3.99 -28.63 -18.70
CA PRO E 269 4.41 -28.65 -20.10
C PRO E 269 5.86 -29.02 -20.41
N ALA E 270 6.74 -29.20 -19.43
CA ALA E 270 8.17 -29.28 -19.78
C ALA E 270 8.57 -30.67 -20.28
N VAL E 271 8.42 -31.76 -19.50
CA VAL E 271 7.94 -31.86 -18.11
C VAL E 271 9.03 -32.35 -17.14
N GLU E 272 10.15 -32.84 -17.66
CA GLU E 272 11.22 -33.40 -16.83
C GLU E 272 12.29 -32.35 -16.54
N ALA E 273 11.89 -31.34 -15.77
CA ALA E 273 12.79 -30.32 -15.26
C ALA E 273 12.83 -30.22 -13.75
N LEU E 274 11.84 -30.77 -13.04
CA LEU E 274 11.89 -30.89 -11.60
C LEU E 274 12.62 -32.14 -11.17
N TYR E 275 12.37 -33.26 -11.85
CA TYR E 275 12.99 -34.57 -11.50
C TYR E 275 14.47 -34.62 -11.90
N ARG E 276 15.08 -33.54 -12.39
CA ARG E 276 16.52 -33.41 -12.60
C ARG E 276 17.21 -32.92 -11.34
N ARG E 277 16.65 -31.89 -10.71
CA ARG E 277 17.32 -31.13 -9.68
C ARG E 277 17.11 -31.68 -8.28
N ILE E 278 16.41 -32.80 -8.14
CA ILE E 278 16.09 -33.35 -6.82
C ILE E 278 17.35 -34.03 -6.30
N THR E 279 18.10 -33.35 -5.42
CA THR E 279 19.44 -33.84 -5.10
C THR E 279 19.40 -35.11 -4.26
N SER E 280 18.56 -35.15 -3.24
CA SER E 280 18.37 -36.33 -2.39
C SER E 280 16.93 -36.81 -2.54
N LEU E 281 16.58 -37.87 -1.82
CA LEU E 281 15.21 -38.31 -1.73
C LEU E 281 15.11 -39.32 -0.60
N VAL E 282 14.08 -39.21 0.23
CA VAL E 282 13.83 -40.19 1.29
C VAL E 282 12.35 -40.53 1.31
N PHE E 283 12.06 -41.83 1.25
CA PHE E 283 10.71 -42.38 1.34
C PHE E 283 10.45 -42.78 2.78
N TRP E 284 9.31 -43.43 3.03
CA TRP E 284 9.04 -44.09 4.31
C TRP E 284 8.42 -45.45 4.00
N LYS E 285 9.14 -46.49 4.39
CA LYS E 285 8.75 -47.87 4.15
C LYS E 285 7.74 -48.30 5.21
N ASN E 286 7.43 -49.60 5.26
CA ASN E 286 6.20 -50.07 5.90
C ASN E 286 6.38 -50.01 7.41
N ALA E 287 6.15 -48.81 7.94
CA ALA E 287 6.11 -48.51 9.38
C ALA E 287 7.37 -48.96 10.11
N THR E 288 8.51 -48.95 9.44
CA THR E 288 9.79 -49.38 10.01
C THR E 288 10.79 -48.24 10.16
N GLU E 289 11.09 -47.50 9.10
CA GLU E 289 12.10 -46.44 9.16
C GLU E 289 12.11 -45.69 7.82
N GLN E 290 12.82 -44.57 7.81
CA GLN E 290 13.01 -43.76 6.61
C GLN E 290 14.21 -44.29 5.84
N SER E 291 13.95 -44.96 4.72
CA SER E 291 14.98 -45.56 3.88
C SER E 291 15.28 -44.61 2.73
N THR E 292 16.54 -44.17 2.62
CA THR E 292 16.94 -43.29 1.52
C THR E 292 16.69 -43.98 0.19
N GLU E 293 15.84 -43.38 -0.63
CA GLU E 293 15.55 -43.95 -1.93
C GLU E 293 16.80 -43.93 -2.79
N GLU E 294 17.01 -45.03 -3.52
CA GLU E 294 18.24 -45.18 -4.27
C GLU E 294 18.29 -44.28 -5.51
N GLY E 295 17.13 -43.78 -5.97
CA GLY E 295 17.08 -42.81 -7.02
C GLY E 295 17.16 -43.37 -8.43
N GLY E 296 17.41 -44.67 -8.59
CA GLY E 296 17.54 -45.26 -9.91
C GLY E 296 16.24 -45.75 -10.49
N GLN E 297 15.33 -46.23 -9.63
CA GLN E 297 14.07 -46.81 -10.11
C GLN E 297 13.25 -45.80 -10.88
N PHE E 298 13.16 -44.59 -10.35
CA PHE E 298 12.36 -43.54 -10.96
C PHE E 298 13.17 -42.95 -12.12
N VAL E 299 12.66 -41.88 -12.71
CA VAL E 299 13.49 -41.09 -13.63
C VAL E 299 14.66 -40.51 -12.85
N THR E 300 15.83 -40.45 -13.47
CA THR E 300 17.06 -40.13 -12.77
C THR E 300 17.06 -38.68 -12.28
N LEU E 301 17.84 -38.46 -11.23
CA LEU E 301 17.87 -37.19 -10.49
C LEU E 301 19.12 -36.38 -10.83
N LEU F 119 22.45 7.43 24.76
CA LEU F 119 23.84 7.54 24.32
C LEU F 119 24.41 6.14 24.14
N SER F 120 25.73 5.99 24.34
CA SER F 120 26.35 4.67 24.24
C SER F 120 25.80 3.72 25.29
N THR F 121 25.51 4.22 26.48
CA THR F 121 25.06 3.34 27.55
C THR F 121 23.64 2.85 27.30
N ALA F 122 22.87 3.51 26.43
CA ALA F 122 21.58 2.98 26.04
C ALA F 122 21.72 1.64 25.34
N VAL F 123 22.66 1.55 24.40
CA VAL F 123 22.86 0.28 23.71
C VAL F 123 23.39 -0.77 24.67
N SER F 124 24.23 -0.34 25.62
CA SER F 124 24.75 -1.25 26.64
C SER F 124 23.62 -1.84 27.47
N THR F 125 22.64 -1.01 27.82
CA THR F 125 21.50 -1.49 28.60
C THR F 125 20.45 -2.19 27.74
N LEU F 126 20.48 -2.02 26.41
CA LEU F 126 19.56 -2.73 25.55
C LEU F 126 20.06 -4.14 25.27
N LEU F 127 21.35 -4.28 24.95
CA LEU F 127 21.88 -5.60 24.63
C LEU F 127 21.90 -6.56 25.82
N GLU F 128 21.70 -6.07 27.04
CA GLU F 128 21.61 -6.89 28.25
C GLU F 128 20.20 -6.95 28.82
N SER F 129 19.20 -6.43 28.11
CA SER F 129 17.79 -6.54 28.50
C SER F 129 16.96 -7.35 27.52
N GLY F 130 17.01 -7.02 26.23
CA GLY F 130 16.13 -7.61 25.26
C GLY F 130 14.74 -7.02 25.21
N SER F 131 14.46 -5.97 25.99
CA SER F 131 13.16 -5.30 26.03
C SER F 131 13.37 -3.80 26.02
N LEU F 132 12.59 -3.09 25.20
CA LEU F 132 12.70 -1.64 25.15
C LEU F 132 12.17 -0.96 26.41
N VAL F 133 11.27 -1.63 27.14
CA VAL F 133 10.59 -1.01 28.27
C VAL F 133 11.58 -0.59 29.34
N THR F 134 12.51 -1.49 29.68
CA THR F 134 13.54 -1.14 30.66
C THR F 134 14.45 -0.03 30.14
N VAL F 135 14.72 -0.03 28.84
CA VAL F 135 15.56 1.02 28.24
C VAL F 135 14.90 2.37 28.44
N ALA F 136 13.58 2.42 28.24
CA ALA F 136 12.86 3.66 28.46
C ALA F 136 12.82 4.03 29.93
N GLU F 137 12.64 3.03 30.80
CA GLU F 137 12.54 3.30 32.23
C GLU F 137 13.83 3.87 32.79
N GLN F 138 14.95 3.19 32.55
CA GLN F 138 16.21 3.60 33.17
C GLN F 138 16.78 4.84 32.52
N HIS F 139 16.74 4.90 31.19
CA HIS F 139 17.35 5.97 30.40
C HIS F 139 16.28 6.48 29.44
N PRO F 140 15.35 7.30 29.91
CA PRO F 140 14.34 7.84 29.01
C PRO F 140 14.86 8.97 28.14
N VAL F 141 15.79 9.77 28.69
CA VAL F 141 16.21 11.01 28.03
C VAL F 141 16.79 10.74 26.66
N THR F 142 17.55 9.66 26.51
CA THR F 142 18.08 9.22 25.23
C THR F 142 17.18 8.21 24.53
N PHE F 143 15.97 7.98 25.05
CA PHE F 143 14.92 7.28 24.34
C PHE F 143 13.93 8.23 23.69
N VAL F 144 13.81 9.46 24.20
CA VAL F 144 13.00 10.45 23.49
C VAL F 144 13.59 10.71 22.12
N ARG F 145 14.92 10.75 22.04
CA ARG F 145 15.63 10.68 20.76
C ARG F 145 16.02 9.23 20.49
N ASN F 146 16.32 8.95 19.22
CA ASN F 146 16.87 7.67 18.79
C ASN F 146 15.91 6.49 18.99
N PHE F 147 14.61 6.74 19.20
CA PHE F 147 13.72 5.62 19.47
C PHE F 147 13.53 4.73 18.25
N ARG F 148 13.54 5.29 17.05
CA ARG F 148 13.31 4.48 15.86
C ARG F 148 14.44 3.46 15.66
N GLY F 149 15.64 3.79 16.13
CA GLY F 149 16.79 2.99 15.82
C GLY F 149 16.94 1.87 16.80
N LEU F 150 16.55 2.08 18.06
CA LEU F 150 16.54 0.98 18.99
C LEU F 150 15.53 -0.06 18.56
N ALA F 151 14.37 0.37 18.07
CA ALA F 151 13.37 -0.57 17.59
C ALA F 151 13.90 -1.36 16.39
N GLU F 152 14.55 -0.68 15.44
CA GLU F 152 15.12 -1.43 14.32
C GLU F 152 16.24 -2.36 14.77
N LEU F 153 17.07 -1.92 15.71
CA LEU F 153 18.16 -2.75 16.22
C LEU F 153 17.64 -4.01 16.86
N LEU F 154 16.60 -3.90 17.68
CA LEU F 154 16.00 -5.09 18.27
C LEU F 154 15.37 -5.97 17.21
N LYS F 155 14.72 -5.37 16.22
CA LYS F 155 14.04 -6.19 15.21
C LYS F 155 15.02 -6.86 14.25
N VAL F 156 16.28 -6.39 14.18
CA VAL F 156 17.24 -6.92 13.24
C VAL F 156 18.35 -7.74 13.88
N SER F 157 18.58 -7.60 15.20
CA SER F 157 19.62 -8.36 15.89
C SER F 157 19.09 -9.56 16.67
N GLY F 158 17.78 -9.60 16.93
CA GLY F 158 17.16 -10.70 17.65
C GLY F 158 16.32 -11.54 16.73
N LYS F 159 16.66 -12.83 16.64
CA LYS F 159 16.00 -13.74 15.71
C LYS F 159 14.51 -13.84 16.01
N MET F 160 13.71 -13.98 14.97
CA MET F 160 12.27 -14.04 15.14
C MET F 160 11.88 -15.28 15.92
N GLN F 161 10.85 -15.15 16.74
CA GLN F 161 10.46 -16.18 17.69
C GLN F 161 9.72 -17.29 16.96
N LYS F 162 10.36 -18.46 16.86
CA LYS F 162 9.74 -19.67 16.30
C LYS F 162 8.88 -20.31 17.38
N ARG F 163 8.40 -21.53 17.14
CA ARG F 163 7.68 -22.32 18.13
C ARG F 163 8.06 -23.78 17.96
N ASP F 164 8.13 -24.50 19.09
CA ASP F 164 8.46 -25.91 19.11
C ASP F 164 7.58 -26.73 20.07
N TRP F 165 6.48 -26.16 20.57
CA TRP F 165 5.66 -26.75 21.62
C TRP F 165 4.32 -27.15 21.05
N LYS F 166 3.93 -28.41 21.29
CA LYS F 166 2.64 -28.91 20.83
C LYS F 166 1.53 -28.07 21.44
N THR F 167 0.70 -27.51 20.58
CA THR F 167 -0.37 -26.62 21.02
C THR F 167 -1.58 -27.48 21.36
N ASN F 168 -2.04 -27.37 22.60
CA ASN F 168 -3.19 -28.16 23.03
C ASN F 168 -4.44 -27.68 22.34
N VAL F 169 -5.23 -28.64 21.85
CA VAL F 169 -6.45 -28.36 21.11
C VAL F 169 -7.60 -28.96 21.90
N HIS F 170 -8.25 -28.15 22.73
CA HIS F 170 -9.42 -28.57 23.48
C HIS F 170 -10.66 -28.25 22.66
N VAL F 171 -11.28 -29.28 22.12
CA VAL F 171 -12.50 -29.13 21.34
C VAL F 171 -13.68 -29.01 22.29
N ILE F 172 -14.52 -28.01 22.07
CA ILE F 172 -15.77 -27.80 22.79
C ILE F 172 -16.89 -28.02 21.79
N VAL F 173 -17.78 -28.95 22.11
CA VAL F 173 -18.89 -29.32 21.24
C VAL F 173 -20.13 -29.50 22.10
N GLY F 174 -21.27 -29.10 21.56
CA GLY F 174 -22.53 -29.37 22.22
C GLY F 174 -23.71 -28.85 21.43
N PRO F 175 -24.92 -29.06 21.94
CA PRO F 175 -26.08 -28.41 21.35
C PRO F 175 -25.97 -26.91 21.48
N PRO F 176 -26.54 -26.15 20.52
CA PRO F 176 -26.30 -24.70 20.47
C PRO F 176 -26.72 -23.95 21.74
N GLY F 177 -25.96 -22.89 22.04
CA GLY F 177 -26.33 -22.00 23.13
C GLY F 177 -26.14 -22.60 24.50
N CYS F 178 -25.21 -23.54 24.65
CA CYS F 178 -25.06 -24.32 25.88
C CYS F 178 -24.06 -23.70 26.85
N GLY F 179 -23.86 -22.39 26.78
CA GLY F 179 -22.83 -21.72 27.56
C GLY F 179 -21.43 -22.07 27.08
N LYS F 180 -21.25 -22.17 25.77
CA LYS F 180 -19.95 -22.53 25.22
C LYS F 180 -18.97 -21.36 25.29
N SER F 181 -19.43 -20.15 24.95
CA SER F 181 -18.53 -19.01 24.87
C SER F 181 -17.98 -18.62 26.24
N LYS F 182 -18.81 -18.70 27.28
CA LYS F 182 -18.36 -18.40 28.63
C LYS F 182 -17.27 -19.38 29.06
N TRP F 183 -17.48 -20.66 28.75
CA TRP F 183 -16.45 -21.65 29.02
C TRP F 183 -15.18 -21.34 28.26
N ALA F 184 -15.32 -20.86 27.01
CA ALA F 184 -14.15 -20.52 26.21
C ALA F 184 -13.35 -19.40 26.85
N ALA F 185 -14.01 -18.32 27.24
CA ALA F 185 -13.30 -17.24 27.92
C ALA F 185 -12.76 -17.69 29.27
N ASN F 186 -13.40 -18.66 29.91
CA ASN F 186 -12.96 -19.13 31.23
C ASN F 186 -11.76 -20.06 31.19
N PHE F 187 -11.29 -20.45 30.01
CA PHE F 187 -10.10 -21.28 29.92
C PHE F 187 -8.88 -20.55 30.49
N ALA F 188 -8.73 -19.27 30.16
CA ALA F 188 -7.61 -18.46 30.62
C ALA F 188 -8.06 -17.02 30.74
N ASP F 189 -7.10 -16.11 30.88
CA ASP F 189 -7.40 -14.70 31.04
C ASP F 189 -7.99 -14.15 29.74
N PRO F 190 -9.14 -13.44 29.78
CA PRO F 190 -9.66 -12.87 28.53
C PRO F 190 -8.78 -11.80 27.92
N GLU F 191 -7.89 -11.17 28.69
CA GLU F 191 -7.08 -10.09 28.17
C GLU F 191 -5.99 -10.58 27.23
N THR F 192 -5.65 -11.86 27.27
CA THR F 192 -4.68 -12.51 26.38
C THR F 192 -5.36 -13.65 25.62
N THR F 193 -6.57 -13.39 25.12
CA THR F 193 -7.35 -14.35 24.35
C THR F 193 -7.87 -13.70 23.08
N TYR F 194 -7.75 -14.42 21.96
CA TYR F 194 -7.88 -13.79 20.65
C TYR F 194 -9.31 -13.70 20.15
N TRP F 195 -10.07 -14.80 20.13
CA TRP F 195 -11.39 -14.84 19.50
C TRP F 195 -11.31 -14.48 18.03
N LYS F 196 -10.55 -15.31 17.27
CA LYS F 196 -10.23 -15.16 15.86
C LYS F 196 -11.43 -14.72 15.04
N PRO F 197 -11.31 -13.71 14.16
CA PRO F 197 -12.44 -13.36 13.29
C PRO F 197 -12.90 -14.54 12.46
N PRO F 198 -14.13 -15.03 12.63
CA PRO F 198 -14.51 -16.28 11.95
C PRO F 198 -14.78 -16.08 10.47
N ARG F 199 -14.73 -17.19 9.75
CA ARG F 199 -15.14 -17.30 8.35
C ARG F 199 -14.21 -16.57 7.39
N ASN F 200 -12.95 -16.35 7.75
CA ASN F 200 -12.00 -15.79 6.80
C ASN F 200 -10.62 -16.29 7.18
N LYS F 201 -9.63 -15.81 6.45
CA LYS F 201 -8.25 -16.29 6.50
C LYS F 201 -7.32 -15.13 6.74
N TRP F 202 -7.68 -14.26 7.69
CA TRP F 202 -6.85 -13.13 8.10
C TRP F 202 -6.84 -13.08 9.62
N TRP F 203 -5.77 -13.62 10.19
CA TRP F 203 -5.52 -13.56 11.62
C TRP F 203 -5.02 -12.17 11.92
N ASP F 204 -5.94 -11.22 12.01
CA ASP F 204 -5.52 -9.83 12.23
C ASP F 204 -4.83 -9.67 13.57
N GLY F 205 -3.52 -9.39 13.51
CA GLY F 205 -2.66 -9.24 14.67
C GLY F 205 -3.15 -8.21 15.64
N TYR F 206 -3.25 -8.40 16.97
CA TYR F 206 -3.09 -9.51 17.95
C TYR F 206 -1.75 -10.08 18.40
N HIS F 207 -0.62 -9.71 17.83
CA HIS F 207 0.69 -9.60 18.47
C HIS F 207 1.28 -10.95 18.92
N GLY F 208 0.54 -12.04 18.80
CA GLY F 208 0.91 -13.34 19.35
C GLY F 208 0.15 -13.41 20.67
N GLU F 209 -0.98 -14.14 20.88
CA GLU F 209 -1.70 -13.94 22.13
C GLU F 209 -2.20 -15.18 22.85
N GLU F 210 -1.88 -16.36 22.38
CA GLU F 210 -1.37 -17.52 23.10
C GLU F 210 -2.39 -18.24 23.98
N VAL F 211 -3.60 -17.73 24.17
CA VAL F 211 -4.87 -18.38 23.89
C VAL F 211 -5.33 -18.07 22.47
N VAL F 212 -5.73 -19.09 21.72
CA VAL F 212 -6.48 -18.91 20.48
C VAL F 212 -7.81 -19.62 20.62
N VAL F 213 -8.91 -18.87 20.55
CA VAL F 213 -10.24 -19.47 20.52
C VAL F 213 -10.84 -19.20 19.14
N ILE F 214 -10.72 -20.18 18.24
CA ILE F 214 -11.55 -20.27 17.05
C ILE F 214 -12.96 -20.62 17.51
N ASP F 215 -13.91 -19.70 17.38
CA ASP F 215 -15.26 -19.99 17.84
C ASP F 215 -16.15 -20.39 16.67
N ASP F 216 -17.20 -21.15 17.02
CA ASP F 216 -18.23 -21.65 16.10
C ASP F 216 -17.66 -22.26 14.81
N PHE F 217 -16.50 -22.91 14.91
CA PHE F 217 -15.92 -23.60 13.76
C PHE F 217 -16.87 -24.69 13.26
N TYR F 218 -17.16 -24.69 11.95
CA TYR F 218 -17.95 -25.75 11.36
C TYR F 218 -17.42 -26.22 9.99
N GLY F 219 -16.13 -26.02 9.69
CA GLY F 219 -15.48 -26.64 8.54
C GLY F 219 -14.93 -25.73 7.46
N TRP F 220 -14.55 -24.50 7.80
CA TRP F 220 -14.27 -23.47 6.80
C TRP F 220 -12.78 -23.16 6.63
N LEU F 221 -11.94 -23.45 7.63
CA LEU F 221 -10.52 -23.36 7.40
C LEU F 221 -10.09 -24.51 6.48
N PRO F 222 -9.06 -24.32 5.66
CA PRO F 222 -8.57 -25.47 4.86
C PRO F 222 -8.05 -26.58 5.75
N TRP F 223 -8.15 -27.81 5.24
CA TRP F 223 -7.82 -28.99 6.01
C TRP F 223 -6.36 -28.99 6.45
N ASP F 224 -5.44 -28.81 5.51
CA ASP F 224 -4.03 -28.86 5.86
C ASP F 224 -3.65 -27.66 6.70
N ASP F 225 -4.31 -26.51 6.51
CA ASP F 225 -4.04 -25.36 7.36
C ASP F 225 -4.39 -25.65 8.82
N LEU F 226 -5.54 -26.29 9.06
CA LEU F 226 -5.89 -26.65 10.43
C LEU F 226 -4.94 -27.70 10.98
N LEU F 227 -4.54 -28.67 10.15
CA LEU F 227 -3.55 -29.63 10.60
C LEU F 227 -2.23 -28.96 10.95
N ARG F 228 -1.92 -27.84 10.31
CA ARG F 228 -0.66 -27.15 10.57
C ARG F 228 -0.76 -26.28 11.82
N LEU F 229 -1.91 -25.64 12.03
CA LEU F 229 -2.12 -24.80 13.21
C LEU F 229 -2.00 -25.54 14.55
N CYS F 230 -2.00 -26.87 14.56
CA CYS F 230 -2.00 -27.67 15.76
C CYS F 230 -0.84 -28.66 15.75
N ASP F 231 0.32 -28.22 15.31
CA ASP F 231 1.51 -29.04 15.16
C ASP F 231 2.64 -28.42 15.97
N ARG F 232 3.70 -29.20 16.16
CA ARG F 232 4.80 -28.78 16.99
C ARG F 232 5.81 -27.90 16.28
N TYR F 233 5.52 -27.41 15.07
CA TYR F 233 6.51 -26.75 14.24
C TYR F 233 6.00 -25.40 13.75
N PRO F 234 6.90 -24.42 13.55
CA PRO F 234 6.48 -23.03 13.44
C PRO F 234 5.60 -22.75 12.25
N LEU F 235 4.74 -21.75 12.40
CA LEU F 235 3.80 -21.34 11.38
C LEU F 235 3.69 -19.84 11.50
N THR F 236 3.28 -19.19 10.42
CA THR F 236 3.12 -17.74 10.39
C THR F 236 1.82 -17.41 9.66
N VAL F 237 0.77 -17.15 10.44
CA VAL F 237 -0.48 -16.67 9.87
C VAL F 237 -0.32 -15.22 9.44
N GLU F 238 -1.15 -14.82 8.48
CA GLU F 238 -1.00 -13.55 7.77
C GLU F 238 -2.22 -12.67 7.99
N THR F 239 -1.96 -11.42 8.34
CA THR F 239 -3.00 -10.41 8.46
C THR F 239 -3.19 -9.74 7.10
N LYS F 240 -3.97 -8.66 7.07
CA LYS F 240 -3.97 -7.78 5.91
C LYS F 240 -2.79 -6.84 6.06
N GLY F 241 -1.84 -6.90 5.13
CA GLY F 241 -0.64 -6.14 4.83
C GLY F 241 0.59 -6.60 5.56
N GLY F 242 0.62 -7.83 6.06
CA GLY F 242 1.82 -8.35 6.67
C GLY F 242 1.56 -9.72 7.25
N THR F 243 2.59 -10.23 7.92
CA THR F 243 2.58 -11.55 8.54
C THR F 243 2.99 -11.44 9.99
N VAL F 244 2.39 -12.28 10.82
CA VAL F 244 2.58 -12.29 12.27
C VAL F 244 3.03 -13.68 12.67
N PRO F 245 4.12 -13.86 13.42
CA PRO F 245 4.45 -15.19 13.92
C PRO F 245 3.36 -15.73 14.83
N PHE F 246 3.07 -17.01 14.67
CA PHE F 246 1.99 -17.69 15.37
C PHE F 246 2.56 -18.56 16.47
N LEU F 247 2.37 -18.14 17.73
CA LEU F 247 2.92 -18.83 18.90
C LEU F 247 1.77 -19.04 19.86
N ALA F 248 1.07 -20.17 19.74
CA ALA F 248 -0.09 -20.46 20.55
C ALA F 248 0.17 -21.68 21.42
N ARG F 249 -0.09 -21.53 22.71
CA ARG F 249 -0.04 -22.63 23.67
C ARG F 249 -1.37 -23.35 23.84
N SER F 250 -2.44 -22.87 23.22
CA SER F 250 -3.76 -23.47 23.40
C SER F 250 -4.66 -22.99 22.29
N ILE F 251 -5.29 -23.91 21.57
CA ILE F 251 -6.32 -23.60 20.59
C ILE F 251 -7.62 -24.19 21.12
N LEU F 252 -8.67 -23.38 21.20
CA LEU F 252 -9.97 -23.79 21.73
C LEU F 252 -10.98 -23.82 20.59
N ILE F 253 -11.11 -24.97 19.94
CA ILE F 253 -12.02 -25.13 18.80
C ILE F 253 -13.43 -25.33 19.35
N THR F 254 -14.21 -24.25 19.42
CA THR F 254 -15.61 -24.34 19.84
C THR F 254 -16.49 -24.55 18.61
N SER F 255 -17.18 -25.69 18.58
CA SER F 255 -17.94 -26.15 17.42
C SER F 255 -19.40 -26.37 17.82
N ASN F 256 -20.17 -26.91 16.87
CA ASN F 256 -21.58 -27.24 17.06
C ASN F 256 -21.88 -28.72 17.02
N GLN F 257 -21.12 -29.51 16.25
CA GLN F 257 -21.37 -30.93 16.04
C GLN F 257 -20.05 -31.67 16.15
N THR F 258 -20.07 -32.98 15.86
CA THR F 258 -18.93 -33.84 16.08
C THR F 258 -17.75 -33.44 15.20
N PRO F 259 -16.50 -33.61 15.66
CA PRO F 259 -15.36 -33.33 14.78
C PRO F 259 -15.32 -34.14 13.49
N LEU F 260 -16.01 -35.28 13.41
CA LEU F 260 -16.02 -36.05 12.18
C LEU F 260 -16.92 -35.46 11.10
N GLU F 261 -17.87 -34.58 11.45
CA GLU F 261 -18.73 -33.93 10.47
C GLU F 261 -18.14 -32.63 9.92
N TRP F 262 -17.02 -32.15 10.46
CA TRP F 262 -16.39 -30.96 9.92
C TRP F 262 -15.97 -31.16 8.47
N TYR F 263 -15.59 -32.38 8.12
CA TYR F 263 -15.23 -32.73 6.74
C TYR F 263 -15.74 -34.13 6.49
N SER F 264 -15.83 -34.48 5.20
CA SER F 264 -16.08 -35.84 4.74
C SER F 264 -14.77 -36.46 4.29
N SER F 265 -14.68 -37.78 4.45
CA SER F 265 -13.43 -38.49 4.14
C SER F 265 -13.09 -38.47 2.66
N THR F 266 -14.03 -38.12 1.78
CA THR F 266 -13.71 -38.02 0.35
C THR F 266 -12.87 -36.79 0.08
N ALA F 267 -13.28 -35.63 0.60
CA ALA F 267 -12.54 -34.40 0.34
C ALA F 267 -11.22 -34.35 1.10
N VAL F 268 -11.08 -35.12 2.18
CA VAL F 268 -9.90 -35.08 3.05
C VAL F 268 -9.08 -36.35 2.80
N PRO F 269 -7.96 -36.29 2.04
CA PRO F 269 -7.05 -37.44 1.92
C PRO F 269 -5.97 -37.52 2.99
N ALA F 270 -6.38 -37.60 4.26
CA ALA F 270 -5.44 -37.86 5.36
C ALA F 270 -5.62 -39.21 6.04
N VAL F 271 -6.80 -39.62 6.55
CA VAL F 271 -8.01 -38.84 6.81
C VAL F 271 -8.28 -38.74 8.33
N GLU F 272 -7.48 -39.41 9.17
CA GLU F 272 -7.64 -39.42 10.62
C GLU F 272 -6.51 -38.67 11.32
N ALA F 273 -5.86 -37.74 10.63
CA ALA F 273 -4.71 -37.05 11.19
C ALA F 273 -5.07 -35.91 12.14
N LEU F 274 -6.34 -35.48 12.18
CA LEU F 274 -6.71 -34.41 13.09
C LEU F 274 -6.80 -34.92 14.54
N TYR F 275 -7.34 -36.12 14.72
CA TYR F 275 -7.61 -36.62 16.07
C TYR F 275 -6.35 -36.84 16.87
N ARG F 276 -5.21 -37.05 16.21
CA ARG F 276 -3.93 -37.06 16.91
C ARG F 276 -3.68 -35.71 17.57
N ARG F 277 -4.09 -34.63 16.92
CA ARG F 277 -3.80 -33.29 17.39
C ARG F 277 -4.78 -32.83 18.46
N ILE F 278 -5.98 -33.37 18.51
CA ILE F 278 -6.92 -33.02 19.56
C ILE F 278 -6.38 -33.53 20.89
N THR F 279 -6.24 -32.64 21.86
CA THR F 279 -5.75 -33.06 23.16
C THR F 279 -6.86 -33.72 23.97
N SER F 280 -7.96 -33.00 24.18
CA SER F 280 -9.11 -33.51 24.91
C SER F 280 -10.37 -33.07 24.19
N LEU F 281 -11.51 -33.37 24.79
CA LEU F 281 -12.80 -33.03 24.21
C LEU F 281 -13.76 -32.73 25.35
N VAL F 282 -14.51 -31.65 25.22
CA VAL F 282 -15.49 -31.20 26.20
C VAL F 282 -16.87 -31.24 25.55
N PHE F 283 -17.82 -31.84 26.26
CA PHE F 283 -19.15 -32.14 25.76
C PHE F 283 -20.18 -31.64 26.77
N TRP F 284 -21.40 -31.43 26.27
CA TRP F 284 -22.56 -31.05 27.09
C TRP F 284 -23.60 -32.14 26.91
N LYS F 285 -23.83 -32.90 27.97
CA LYS F 285 -24.81 -33.98 27.99
C LYS F 285 -26.18 -33.37 28.28
N ASN F 286 -27.19 -34.21 28.54
CA ASN F 286 -28.58 -33.78 28.39
C ASN F 286 -28.95 -32.89 29.56
N ALA F 287 -28.51 -31.64 29.45
CA ALA F 287 -28.76 -30.59 30.44
C ALA F 287 -28.29 -31.01 31.83
N THR F 288 -27.05 -31.50 31.91
CA THR F 288 -26.38 -31.74 33.18
C THR F 288 -25.23 -30.80 33.45
N GLU F 289 -24.26 -30.71 32.54
CA GLU F 289 -23.10 -29.83 32.70
C GLU F 289 -22.31 -29.89 31.39
N GLN F 290 -21.23 -29.09 31.34
CA GLN F 290 -20.22 -29.21 30.30
C GLN F 290 -19.24 -30.32 30.68
N SER F 291 -19.60 -31.57 30.35
CA SER F 291 -18.83 -32.72 30.77
C SER F 291 -17.57 -32.88 29.93
N THR F 292 -16.47 -33.28 30.58
CA THR F 292 -15.19 -33.50 29.92
C THR F 292 -15.10 -34.94 29.45
N GLU F 293 -14.82 -35.11 28.16
CA GLU F 293 -14.97 -36.40 27.52
C GLU F 293 -13.91 -37.39 27.98
N GLU F 294 -14.30 -38.67 28.03
CA GLU F 294 -13.34 -39.75 28.26
C GLU F 294 -12.35 -39.84 27.11
N GLY F 295 -12.83 -39.78 25.87
CA GLY F 295 -11.99 -39.93 24.71
C GLY F 295 -11.71 -41.36 24.30
N GLY F 296 -12.11 -42.36 25.10
CA GLY F 296 -11.78 -43.74 24.83
C GLY F 296 -12.81 -44.51 24.03
N GLN F 297 -14.04 -43.99 23.91
CA GLN F 297 -15.06 -44.67 23.13
C GLN F 297 -14.85 -44.45 21.63
N PHE F 298 -14.79 -43.18 21.23
CA PHE F 298 -14.69 -42.83 19.81
C PHE F 298 -13.23 -42.98 19.39
N VAL F 299 -12.90 -42.50 18.18
CA VAL F 299 -11.51 -42.51 17.71
C VAL F 299 -10.63 -41.74 18.69
N THR F 300 -9.48 -42.31 19.03
CA THR F 300 -8.73 -41.87 20.19
C THR F 300 -8.12 -40.49 19.96
N LEU F 301 -7.61 -39.92 21.04
CA LEU F 301 -7.10 -38.55 21.08
C LEU F 301 -5.59 -38.53 21.29
PB ADP I . -27.55 15.38 9.36
O1B ADP I . -28.51 14.24 9.42
O2B ADP I . -27.31 15.92 7.97
O3B ADP I . -26.29 15.12 10.14
PA ADP I . -29.32 17.50 9.32
O1A ADP I . -30.39 16.64 8.69
O2A ADP I . -28.50 18.36 8.41
O3A ADP I . -28.33 16.54 10.15
O5' ADP I . -30.06 18.42 10.42
C5' ADP I . -29.45 19.58 10.99
C4' ADP I . -30.48 20.69 11.07
O4' ADP I . -30.07 21.76 11.95
C3' ADP I . -30.78 21.35 9.73
O3' ADP I . -32.10 21.04 9.31
C2' ADP I . -30.63 22.85 9.96
O2' ADP I . -31.74 23.56 9.42
C1' ADP I . -30.57 23.00 11.46
N9 ADP I . -29.70 24.13 11.87
C8 ADP I . -28.56 24.02 12.58
N7 ADP I . -28.01 25.24 12.79
C5 ADP I . -28.80 26.15 12.22
C6 ADP I . -28.80 27.63 12.07
N6 ADP I . -27.82 28.40 12.60
N1 ADP I . -29.83 28.19 11.40
C2 ADP I . -30.82 27.46 10.86
N3 ADP I . -30.87 26.11 10.96
C4 ADP I . -29.92 25.42 11.61
H5'1 ADP I . -28.60 19.90 10.38
H5'2 ADP I . -29.08 19.34 11.99
H4' ADP I . -31.42 20.27 11.45
H3' ADP I . -30.04 21.02 8.99
H2' ADP I . -29.69 23.20 9.52
HO2' ADP I . -31.78 23.42 8.46
H1' ADP I . -31.59 23.16 11.84
H8 ADP I . -28.13 23.08 12.93
HN61 ADP I . -27.05 27.96 13.09
HN62 ADP I . -27.84 29.40 12.48
H2 ADP I . -31.61 27.97 10.34
MG MG J . -25.97 13.73 8.75
PB ADP K . -15.86 23.37 -20.34
O1B ADP K . -16.63 24.57 -19.93
O2B ADP K . -16.63 22.38 -21.17
O3B ADP K . -15.08 22.75 -19.21
PA ADP K . -13.43 24.70 -20.82
O1A ADP K . -13.61 24.98 -19.36
O2A ADP K . -12.22 23.92 -21.31
O3A ADP K . -14.76 23.96 -21.35
O5' ADP K . -13.44 26.09 -21.61
C5' ADP K . -14.49 27.00 -21.36
C4' ADP K . -14.90 27.76 -22.62
O4' ADP K . -13.91 28.74 -22.92
C3' ADP K . -15.07 26.89 -23.85
O3' ADP K . -16.41 26.98 -24.34
C2' ADP K . -14.14 27.47 -24.88
O2' ADP K . -14.78 27.55 -26.16
C1' ADP K . -13.79 28.84 -24.34
N9 ADP K . -12.41 29.23 -24.68
C8 ADP K . -11.34 28.90 -23.97
N7 ADP K . -10.21 29.41 -24.52
C5 ADP K . -10.58 30.09 -25.62
C6 ADP K . -9.88 30.87 -26.66
N6 ADP K . -8.53 31.03 -26.65
N1 ADP K . -10.63 31.42 -27.65
C2 ADP K . -11.97 31.28 -27.68
N3 ADP K . -12.66 30.58 -26.76
C4 ADP K . -12.02 29.97 -25.72
H5'1 ADP K . -15.36 26.46 -20.98
H5'2 ADP K . -14.18 27.72 -20.59
H4' ADP K . -15.86 28.27 -22.42
H3' ADP K . -14.80 25.85 -23.63
H2' ADP K . -13.23 26.85 -24.95
HO2' ADP K . -15.03 26.66 -26.45
H1' ADP K . -14.50 29.57 -24.73
H8 ADP K . -11.37 28.30 -23.06
HN61 ADP K . -8.07 31.57 -27.37
HN62 ADP K . -7.99 30.61 -25.91
H2 ADP K . -12.52 31.74 -28.49
MG MG L . -14.38 22.03 -16.43
PB ADP M . 7.75 4.19 -33.65
O1B ADP M . 8.08 4.32 -32.18
O2B ADP M . 7.19 2.84 -34.02
O3B ADP M . 7.00 5.35 -34.24
PA ADP M . 10.50 3.80 -33.65
O1A ADP M . 10.79 4.79 -32.55
O2A ADP M . 10.33 2.35 -33.30
O3A ADP M . 9.16 4.26 -34.40
O5' ADP M . 11.65 3.90 -34.77
C5' ADP M . 12.40 5.10 -35.01
C4' ADP M . 13.26 4.90 -36.26
O4' ADP M . 14.15 6.01 -36.43
C3' ADP M . 14.12 3.66 -36.20
O3' ADP M . 13.68 2.70 -37.17
C2' ADP M . 15.55 4.09 -36.49
O2' ADP M . 16.08 3.41 -37.62
C1' ADP M . 15.47 5.59 -36.75
N9 ADP M . 16.45 6.33 -35.90
C8 ADP M . 16.17 6.84 -34.69
N7 ADP M . 17.27 7.45 -34.18
C5 ADP M . 18.27 7.33 -35.06
C6 ADP M . 19.68 7.75 -35.14
N6 ADP M . 20.27 8.44 -34.13
N1 ADP M . 20.39 7.41 -36.24
C2 ADP M . 19.83 6.73 -37.26
N3 ADP M . 18.55 6.33 -37.25
C4 ADP M . 17.73 6.59 -36.21
H5'1 ADP M . 11.71 5.93 -35.17
H5'2 ADP M . 13.03 5.32 -34.16
H4' ADP M . 12.61 4.82 -37.14
H3' ADP M . 14.07 3.23 -35.19
H2' ADP M . 16.17 3.91 -35.61
HO2' ADP M . 16.14 2.46 -37.44
H1' ADP M . 15.68 5.78 -37.82
H8 ADP M . 15.21 6.78 -34.20
HN61 ADP M . 21.24 8.72 -34.20
HN62 ADP M . 19.73 8.68 -33.31
H2 ADP M . 20.44 6.50 -38.12
MG MG N . 6.31 4.48 -29.56
PB ADP O . 19.59 -24.34 -18.22
O1B ADP O . 18.44 -23.77 -17.44
O2B ADP O . 20.87 -23.56 -18.10
O3B ADP O . 19.25 -24.73 -19.62
PA ADP O . 20.63 -25.81 -16.06
O1A ADP O . 20.79 -24.42 -15.53
O2A ADP O . 19.88 -26.82 -15.23
O3A ADP O . 19.92 -25.74 -17.50
O5' ADP O . 22.09 -26.44 -16.33
C5' ADP O . 23.25 -25.61 -16.31
C4' ADP O . 24.51 -26.47 -16.40
O4' ADP O . 25.68 -25.65 -16.31
C3' ADP O . 24.58 -27.49 -15.28
O3' ADP O . 24.52 -28.82 -15.81
C2' ADP O . 25.89 -27.25 -14.57
O2' ADP O . 26.67 -28.45 -14.48
C1' ADP O . 26.62 -26.19 -15.38
N9 ADP O . 27.12 -25.12 -14.49
C8 ADP O . 26.68 -23.86 -14.43
N7 ADP O . 27.37 -23.12 -13.52
C5 ADP O . 28.29 -23.94 -12.97
C6 ADP O . 29.36 -23.82 -11.96
N6 ADP O . 29.58 -22.65 -11.31
N1 ADP O . 30.10 -24.91 -11.68
C2 ADP O . 29.90 -26.09 -12.31
N3 ADP O . 28.95 -26.26 -13.25
C4 ADP O . 28.13 -25.25 -13.62
H5'1 ADP O . 23.27 -25.02 -15.40
H5'2 ADP O . 23.22 -24.92 -17.16
H4' ADP O . 24.51 -27.00 -17.36
H3' ADP O . 23.76 -27.32 -14.58
H2' ADP O . 25.69 -26.87 -13.56
HO2' ADP O . 26.19 -29.11 -13.97
H1' ADP O . 27.45 -26.67 -15.91
H8 ADP O . 25.87 -23.46 -15.04
HN61 ADP O . 30.32 -22.59 -10.61
HN62 ADP O . 29.02 -21.83 -11.51
H2 ADP O . 30.53 -26.93 -12.05
MG MG P . 16.43 -21.35 -16.80
#